data_4XWN
#
_entry.id   4XWN
#
_cell.length_a   108.856
_cell.length_b   108.856
_cell.length_c   182.380
_cell.angle_alpha   90.000
_cell.angle_beta   90.000
_cell.angle_gamma   90.000
#
_symmetry.space_group_name_H-M   'P 41 21 2'
#
loop_
_entity.id
_entity.type
_entity.pdbx_description
1 polymer 'Exoglucanase S'
2 branched beta-D-glucopyranose-(1-4)-beta-D-glucopyranose
3 branched beta-D-glucopyranose-(1-4)-beta-D-glucopyranose-(1-4)-beta-D-glucopyranose-(1-4)-beta-D-glucopyranose-(1-4)-beta-D-glucopyranose
4 non-polymer 'CALCIUM ION'
5 water water
#
_entity_poly.entity_id   1
_entity_poly.type   'polypeptide(L)'
_entity_poly.pdbx_seq_one_letter_code
;MGSSHHHHHHSSGLVPRGSHMASMTGGQQMGRIEGREFAAPVVPNNEYVQHFKDMYAKIHNANNGYFSDEGIPYHAVETL
MVEAPDYGHETTSEAFSYYMWLEAMNAKLTGDFSGFKKAWDVTEKYIIPGETDQPSASMSNYDPNKPATYAAEHPDPSMY
PSQLQFGAAVGKDPLYNELKSTYGTSQVYGMHWLLDVDNWYGFGGATSTSPVYINTFQRGVQESCWETVPQPCKDEMKYG
GRNGFLDLFTGDSQYATQFKYTNAPDADARAVQATYYAQLAAKEWGVDISSYVAKSTKMGDFLRYSFFDKYFRKVGNSTQ
AGTGYDSAQYLLNWYYAWGGGISSNWSWRIGSSHNHFGYQNPMAAWILSNTSDFKPKSPNAATDWNNSLKRQIEFYQWLQ
SAEGGIAGGASNSNGGSYQAWPAGTRTFYGMGYTPHPVYEDPGSNEWFGMQAWSMQRVAEYYYSSKDPAAKSLLDKWAKW
ACANVQFDDAAKKFKIPAKLVWTGQPDTWTGSYTGNSNLHVKVEAYGEDLGVAGSLSNALSYYAKALESSTDAADKVAYN
TAKETSRKILDYLWASYQDDKGIAVTETRNDFKRFNQSVYIPSGWTGKMPNGDVIQSGATFLSIRSKYKQDPSWPNVEAA
LANGTGVDMTYHRFWGQSDIAIAFGTYGTLFTDPTPGLKGD
;
_entity_poly.pdbx_strand_id   A
#
loop_
_chem_comp.id
_chem_comp.type
_chem_comp.name
_chem_comp.formula
BGC D-saccharide, beta linking beta-D-glucopyranose 'C6 H12 O6'
CA non-polymer 'CALCIUM ION' 'Ca 2'
#
# COMPACT_ATOMS: atom_id res chain seq x y z
N PRO A 41 4.61 -2.63 -35.20
CA PRO A 41 5.28 -2.25 -33.93
C PRO A 41 6.32 -3.29 -33.46
N VAL A 42 7.57 -3.06 -33.83
CA VAL A 42 8.74 -3.91 -33.51
C VAL A 42 9.10 -3.87 -32.01
N VAL A 43 8.73 -4.96 -31.35
CA VAL A 43 8.93 -5.16 -29.93
C VAL A 43 10.29 -5.84 -29.76
N PRO A 44 11.00 -5.46 -28.69
CA PRO A 44 12.33 -5.96 -28.32
C PRO A 44 12.33 -7.47 -28.17
N ASN A 45 13.42 -8.05 -28.63
CA ASN A 45 13.64 -9.48 -28.52
C ASN A 45 14.99 -9.82 -27.91
N ASN A 46 15.00 -9.86 -26.58
CA ASN A 46 16.20 -10.21 -25.83
C ASN A 46 15.81 -11.11 -24.69
N GLU A 47 16.80 -11.60 -23.93
CA GLU A 47 16.51 -12.59 -22.91
C GLU A 47 15.62 -12.06 -21.77
N TYR A 48 15.69 -10.76 -21.49
CA TYR A 48 14.92 -10.19 -20.38
C TYR A 48 13.42 -10.11 -20.69
N VAL A 49 13.11 -9.77 -21.94
CA VAL A 49 11.73 -9.82 -22.39
C VAL A 49 11.20 -11.25 -22.27
N GLN A 50 12.03 -12.20 -22.67
CA GLN A 50 11.65 -13.61 -22.56
C GLN A 50 11.47 -14.06 -21.11
N HIS A 51 12.32 -13.58 -20.21
CA HIS A 51 12.17 -13.91 -18.80
C HIS A 51 10.81 -13.39 -18.33
N PHE A 52 10.45 -12.19 -18.77
CA PHE A 52 9.12 -11.70 -18.43
C PHE A 52 8.07 -12.68 -18.94
N LYS A 53 8.17 -13.09 -20.20
CA LYS A 53 7.12 -13.91 -20.79
C LYS A 53 6.98 -15.25 -20.06
N ASP A 54 8.11 -15.79 -19.64
CA ASP A 54 8.15 -17.04 -18.88
C ASP A 54 7.50 -16.87 -17.50
N MET A 55 7.83 -15.78 -16.81
CA MET A 55 7.22 -15.48 -15.52
C MET A 55 5.70 -15.28 -15.65
N TYR A 56 5.30 -14.53 -16.67
CA TYR A 56 3.90 -14.29 -16.95
C TYR A 56 3.18 -15.62 -17.13
N ALA A 57 3.81 -16.50 -17.90
CA ALA A 57 3.24 -17.83 -18.11
C ALA A 57 3.10 -18.61 -16.80
N LYS A 58 4.11 -18.52 -15.93
CA LYS A 58 4.01 -19.21 -14.65
C LYS A 58 2.85 -18.66 -13.78
N ILE A 59 2.74 -17.33 -13.72
CA ILE A 59 1.73 -16.70 -12.88
C ILE A 59 0.33 -17.03 -13.37
N HIS A 60 0.17 -17.16 -14.68
CA HIS A 60 -1.15 -17.43 -15.21
C HIS A 60 -1.43 -18.93 -15.39
N ASN A 61 -0.42 -19.76 -15.15
CA ASN A 61 -0.63 -21.19 -15.28
C ASN A 61 -1.49 -21.71 -14.13
N ALA A 62 -2.60 -22.37 -14.47
CA ALA A 62 -3.56 -22.87 -13.50
C ALA A 62 -2.95 -23.79 -12.43
N ASN A 63 -1.93 -24.56 -12.79
CA ASN A 63 -1.29 -25.49 -11.84
C ASN A 63 -0.69 -24.78 -10.62
N ASN A 64 -0.29 -23.53 -10.79
CA ASN A 64 0.47 -22.81 -9.77
C ASN A 64 -0.37 -22.12 -8.67
N GLY A 65 -1.66 -21.95 -8.92
CA GLY A 65 -2.59 -21.54 -7.88
C GLY A 65 -2.55 -20.08 -7.45
N TYR A 66 -2.18 -19.17 -8.36
CA TYR A 66 -2.17 -17.73 -8.05
C TYR A 66 -3.54 -17.06 -7.98
N PHE A 67 -4.53 -17.64 -8.64
CA PHE A 67 -5.83 -16.97 -8.80
C PHE A 67 -7.00 -17.80 -8.26
N SER A 68 -8.01 -17.11 -7.73
CA SER A 68 -9.23 -17.74 -7.26
C SER A 68 -10.15 -18.05 -8.42
N ASP A 69 -11.27 -18.68 -8.11
CA ASP A 69 -12.29 -18.99 -9.10
C ASP A 69 -12.78 -17.73 -9.80
N GLU A 70 -12.81 -16.62 -9.07
CA GLU A 70 -13.26 -15.35 -9.62
C GLU A 70 -12.22 -14.69 -10.50
N GLY A 71 -11.01 -15.22 -10.52
CA GLY A 71 -9.94 -14.61 -11.26
C GLY A 71 -9.25 -13.55 -10.42
N ILE A 72 -9.43 -13.62 -9.10
CA ILE A 72 -8.82 -12.69 -8.16
C ILE A 72 -7.46 -13.21 -7.72
N PRO A 73 -6.42 -12.36 -7.79
CA PRO A 73 -5.09 -12.81 -7.33
C PRO A 73 -5.04 -12.87 -5.81
N TYR A 74 -4.50 -13.95 -5.27
CA TYR A 74 -4.34 -14.08 -3.84
C TYR A 74 -3.16 -13.24 -3.40
N HIS A 75 -3.06 -12.92 -2.11
CA HIS A 75 -1.87 -12.27 -1.60
C HIS A 75 -0.65 -13.15 -1.91
N ALA A 76 -0.80 -14.45 -1.65
CA ALA A 76 0.25 -15.42 -1.95
C ALA A 76 -0.33 -16.79 -2.33
N VAL A 77 0.46 -17.60 -3.02
CA VAL A 77 0.03 -18.98 -3.34
C VAL A 77 -0.18 -19.79 -2.05
N GLU A 78 0.73 -19.61 -1.11
CA GLU A 78 0.72 -20.31 0.17
C GLU A 78 -0.30 -19.69 1.12
N THR A 79 -1.03 -20.51 1.86
CA THR A 79 -2.07 -19.99 2.74
C THR A 79 -1.57 -19.55 4.10
N LEU A 80 -0.58 -20.25 4.66
CA LEU A 80 -0.12 -19.90 6.00
C LEU A 80 0.87 -18.75 5.91
N MET A 81 0.38 -17.55 6.17
CA MET A 81 1.11 -16.34 5.82
C MET A 81 0.51 -15.18 6.59
N VAL A 82 1.36 -14.52 7.38
CA VAL A 82 0.95 -13.38 8.18
C VAL A 82 1.99 -12.25 8.09
N GLU A 83 1.59 -11.06 7.66
CA GLU A 83 2.54 -9.95 7.60
C GLU A 83 1.88 -8.58 7.48
N ALA A 84 0.79 -8.49 6.72
CA ALA A 84 -0.10 -7.33 6.75
C ALA A 84 -1.51 -7.92 6.56
N PRO A 85 -1.76 -8.59 5.41
CA PRO A 85 -2.87 -9.55 5.56
C PRO A 85 -2.43 -10.64 6.52
N ASP A 86 -3.37 -11.33 7.16
CA ASP A 86 -3.01 -12.34 8.15
C ASP A 86 -3.38 -13.75 7.66
N TYR A 87 -3.73 -13.84 6.38
CA TYR A 87 -3.95 -15.15 5.76
C TYR A 87 -3.57 -15.05 4.29
N GLY A 88 -2.92 -16.08 3.77
CA GLY A 88 -2.36 -15.99 2.43
C GLY A 88 -3.36 -15.87 1.31
N HIS A 89 -4.56 -16.40 1.50
CA HIS A 89 -5.62 -16.30 0.49
C HIS A 89 -6.65 -15.21 0.77
N GLU A 90 -6.31 -14.31 1.67
CA GLU A 90 -6.87 -12.98 1.57
C GLU A 90 -6.23 -12.34 0.35
N THR A 91 -6.73 -11.19 -0.06
CA THR A 91 -5.95 -10.37 -0.97
C THR A 91 -6.10 -8.90 -0.65
N THR A 92 -5.37 -8.09 -1.41
CA THR A 92 -5.27 -6.68 -1.12
C THR A 92 -5.53 -5.89 -2.38
N SER A 93 -5.88 -4.63 -2.22
CA SER A 93 -5.98 -3.73 -3.36
C SER A 93 -4.61 -3.60 -4.03
N GLU A 94 -3.57 -3.75 -3.22
CA GLU A 94 -2.19 -3.83 -3.66
C GLU A 94 -2.01 -4.93 -4.72
N ALA A 95 -2.51 -6.12 -4.42
CA ALA A 95 -2.41 -7.22 -5.36
C ALA A 95 -3.15 -6.92 -6.67
N PHE A 96 -4.33 -6.31 -6.59
CA PHE A 96 -5.04 -5.92 -7.80
C PHE A 96 -4.25 -4.92 -8.65
N SER A 97 -3.63 -3.94 -7.99
CA SER A 97 -2.86 -2.95 -8.71
C SER A 97 -1.64 -3.60 -9.37
N TYR A 98 -1.07 -4.59 -8.69
CA TYR A 98 0.05 -5.31 -9.29
C TYR A 98 -0.37 -6.16 -10.46
N TYR A 99 -1.57 -6.70 -10.38
CA TYR A 99 -2.16 -7.48 -11.45
C TYR A 99 -2.32 -6.60 -12.70
N MET A 100 -2.89 -5.41 -12.48
CA MET A 100 -3.00 -4.42 -13.55
C MET A 100 -1.66 -4.12 -14.19
N TRP A 101 -0.64 -3.95 -13.34
CA TRP A 101 0.69 -3.57 -13.81
C TRP A 101 1.33 -4.69 -14.65
N LEU A 102 1.19 -5.91 -14.15
CA LEU A 102 1.68 -7.09 -14.82
C LEU A 102 1.05 -7.21 -16.20
N GLU A 103 -0.26 -7.04 -16.26
CA GLU A 103 -0.95 -7.16 -17.52
C GLU A 103 -0.61 -6.01 -18.47
N ALA A 104 -0.33 -4.83 -17.91
CA ALA A 104 0.09 -3.71 -18.72
C ALA A 104 1.43 -3.99 -19.40
N MET A 105 2.37 -4.57 -18.64
CA MET A 105 3.66 -4.94 -19.23
C MET A 105 3.45 -5.99 -20.32
N ASN A 106 2.58 -6.97 -20.05
CA ASN A 106 2.31 -7.97 -21.07
C ASN A 106 1.72 -7.38 -22.34
N ALA A 107 0.81 -6.44 -22.19
CA ALA A 107 0.23 -5.79 -23.35
C ALA A 107 1.31 -5.01 -24.12
N LYS A 108 2.19 -4.31 -23.41
CA LYS A 108 3.31 -3.60 -24.05
C LYS A 108 4.12 -4.56 -24.93
N LEU A 109 4.43 -5.73 -24.38
CA LEU A 109 5.31 -6.67 -25.09
C LEU A 109 4.63 -7.54 -26.16
N THR A 110 3.31 -7.74 -26.05
CA THR A 110 2.63 -8.69 -26.95
C THR A 110 1.55 -8.07 -27.81
N GLY A 111 1.02 -6.92 -27.38
CA GLY A 111 -0.10 -6.28 -28.07
C GLY A 111 -1.49 -6.78 -27.70
N ASP A 112 -1.54 -7.74 -26.77
CA ASP A 112 -2.80 -8.31 -26.31
C ASP A 112 -3.23 -7.62 -25.03
N PHE A 113 -4.34 -6.89 -25.08
CA PHE A 113 -4.79 -6.10 -23.92
C PHE A 113 -5.94 -6.78 -23.16
N SER A 114 -6.31 -7.99 -23.58
CA SER A 114 -7.43 -8.69 -22.97
C SER A 114 -7.21 -8.95 -21.48
N GLY A 115 -5.98 -9.31 -21.11
CA GLY A 115 -5.64 -9.61 -19.73
C GLY A 115 -5.74 -8.38 -18.84
N PHE A 116 -5.34 -7.23 -19.40
CA PHE A 116 -5.40 -5.97 -18.67
C PHE A 116 -6.85 -5.56 -18.41
N LYS A 117 -7.68 -5.66 -19.45
CA LYS A 117 -9.10 -5.37 -19.33
C LYS A 117 -9.72 -6.28 -18.28
N LYS A 118 -9.34 -7.56 -18.33
CA LYS A 118 -9.83 -8.52 -17.36
C LYS A 118 -9.45 -8.09 -15.94
N ALA A 119 -8.22 -7.64 -15.77
CA ALA A 119 -7.75 -7.22 -14.45
C ALA A 119 -8.60 -6.07 -13.90
N TRP A 120 -8.89 -5.08 -14.75
CA TRP A 120 -9.76 -3.98 -14.33
C TRP A 120 -11.20 -4.43 -14.05
N ASP A 121 -11.70 -5.34 -14.86
CA ASP A 121 -13.06 -5.85 -14.72
C ASP A 121 -13.24 -6.53 -13.36
N VAL A 122 -12.26 -7.36 -13.00
CA VAL A 122 -12.33 -8.06 -11.73
C VAL A 122 -12.14 -7.09 -10.58
N THR A 123 -11.31 -6.06 -10.79
CA THR A 123 -11.13 -5.04 -9.77
C THR A 123 -12.44 -4.32 -9.45
N GLU A 124 -13.10 -3.84 -10.50
CA GLU A 124 -14.33 -3.08 -10.30
C GLU A 124 -15.41 -3.97 -9.70
N LYS A 125 -15.42 -5.24 -10.09
CA LYS A 125 -16.46 -6.15 -9.62
C LYS A 125 -16.27 -6.52 -8.13
N TYR A 126 -15.03 -6.75 -7.70
CA TYR A 126 -14.81 -7.37 -6.40
C TYR A 126 -14.12 -6.57 -5.29
N ILE A 127 -13.46 -5.46 -5.60
CA ILE A 127 -12.72 -4.76 -4.54
C ILE A 127 -13.10 -3.29 -4.45
N ILE A 128 -13.86 -2.80 -5.43
CA ILE A 128 -14.47 -1.48 -5.32
C ILE A 128 -15.91 -1.67 -4.88
N PRO A 129 -16.25 -1.23 -3.66
CA PRO A 129 -17.58 -1.52 -3.10
C PRO A 129 -18.73 -1.07 -4.02
N GLY A 130 -19.71 -1.95 -4.21
CA GLY A 130 -20.83 -1.65 -5.07
C GLY A 130 -22.06 -1.29 -4.29
N GLU A 131 -23.21 -1.31 -4.95
CA GLU A 131 -24.44 -0.80 -4.38
C GLU A 131 -24.82 -1.49 -3.06
N THR A 132 -24.72 -2.82 -3.02
CA THR A 132 -25.07 -3.54 -1.80
C THR A 132 -24.02 -3.37 -0.70
N ASP A 133 -22.84 -2.89 -1.08
CA ASP A 133 -21.75 -2.69 -0.13
C ASP A 133 -21.77 -1.30 0.52
N GLN A 134 -22.07 -0.28 -0.29
CA GLN A 134 -22.17 1.10 0.19
C GLN A 134 -23.47 1.74 -0.30
N PRO A 135 -24.60 1.38 0.31
CA PRO A 135 -25.93 1.82 -0.13
C PRO A 135 -25.99 3.31 -0.47
N SER A 136 -26.49 3.64 -1.66
CA SER A 136 -26.56 5.01 -2.14
C SER A 136 -27.34 5.91 -1.20
N ALA A 137 -28.37 5.37 -0.55
CA ALA A 137 -29.19 6.18 0.32
C ALA A 137 -28.41 6.71 1.52
N SER A 138 -27.44 5.94 1.99
CA SER A 138 -26.58 6.39 3.06
C SER A 138 -25.56 7.40 2.58
N MET A 139 -24.93 7.10 1.45
CA MET A 139 -23.90 7.96 0.88
C MET A 139 -24.47 9.33 0.55
N SER A 140 -25.69 9.36 0.04
CA SER A 140 -26.37 10.60 -0.32
C SER A 140 -26.75 11.45 0.87
N ASN A 141 -26.75 10.85 2.06
CA ASN A 141 -27.10 11.55 3.27
C ASN A 141 -25.89 12.12 4.01
N TYR A 142 -24.77 12.17 3.31
CA TYR A 142 -23.52 12.73 3.84
C TYR A 142 -23.67 14.22 4.15
N ASP A 143 -22.95 14.68 5.17
CA ASP A 143 -22.93 16.11 5.47
C ASP A 143 -21.48 16.59 5.39
N PRO A 144 -21.12 17.30 4.31
CA PRO A 144 -19.72 17.73 4.16
C PRO A 144 -19.27 18.75 5.22
N ASN A 145 -20.23 19.37 5.91
CA ASN A 145 -19.94 20.25 7.03
C ASN A 145 -19.73 19.49 8.34
N LYS A 146 -20.13 18.21 8.35
CA LYS A 146 -19.91 17.36 9.51
C LYS A 146 -19.49 15.98 9.03
N PRO A 147 -18.26 15.89 8.50
CA PRO A 147 -17.82 14.67 7.80
C PRO A 147 -17.78 13.46 8.70
N ALA A 148 -17.48 13.65 9.98
CA ALA A 148 -17.31 12.55 10.92
C ALA A 148 -17.30 13.06 12.33
N THR A 149 -17.27 12.13 13.29
CA THR A 149 -17.17 12.48 14.69
C THR A 149 -15.80 12.12 15.23
N TYR A 150 -15.15 13.07 15.91
CA TYR A 150 -13.80 12.85 16.41
C TYR A 150 -13.75 11.72 17.44
N ALA A 151 -12.69 10.90 17.34
CA ALA A 151 -12.28 9.98 18.40
C ALA A 151 -10.76 9.92 18.43
N ALA A 152 -10.19 9.84 19.63
CA ALA A 152 -8.74 9.80 19.74
C ALA A 152 -8.18 8.45 19.34
N GLU A 153 -6.96 8.44 18.81
CA GLU A 153 -6.19 7.22 18.71
C GLU A 153 -5.39 7.06 20.01
N HIS A 154 -4.99 5.84 20.34
CA HIS A 154 -4.34 5.60 21.62
C HIS A 154 -3.07 4.76 21.50
N PRO A 155 -2.12 4.94 22.44
CA PRO A 155 -0.81 4.28 22.37
C PRO A 155 -0.85 2.77 22.60
N ASP A 156 -1.97 2.23 23.05
CA ASP A 156 -2.06 0.80 23.29
C ASP A 156 -3.48 0.29 23.04
N PRO A 157 -3.61 -0.94 22.50
CA PRO A 157 -4.95 -1.49 22.22
C PRO A 157 -5.86 -1.62 23.43
N SER A 158 -5.28 -1.74 24.62
CA SER A 158 -6.07 -1.90 25.85
C SER A 158 -6.90 -0.67 26.18
N MET A 159 -6.66 0.42 25.46
CA MET A 159 -7.37 1.67 25.69
C MET A 159 -8.56 1.82 24.74
N TYR A 160 -8.86 0.77 24.00
CA TYR A 160 -10.02 0.76 23.12
C TYR A 160 -11.17 -0.06 23.74
N PRO A 161 -12.43 0.28 23.40
CA PRO A 161 -12.92 1.25 22.40
C PRO A 161 -12.63 2.69 22.75
N SER A 162 -12.43 3.50 21.72
CA SER A 162 -12.21 4.93 21.90
C SER A 162 -13.52 5.70 21.82
N GLN A 163 -13.74 6.59 22.78
CA GLN A 163 -15.01 7.32 22.88
C GLN A 163 -15.16 8.39 21.79
N LEU A 164 -16.32 8.39 21.13
CA LEU A 164 -16.68 9.47 20.21
C LEU A 164 -16.90 10.75 21.00
N GLN A 165 -16.30 11.84 20.54
CA GLN A 165 -16.44 13.13 21.21
C GLN A 165 -17.21 14.05 20.28
N PHE A 166 -18.52 14.13 20.48
CA PHE A 166 -19.40 14.84 19.55
C PHE A 166 -19.20 16.36 19.54
N GLY A 167 -18.58 16.90 20.59
CA GLY A 167 -18.35 18.32 20.66
C GLY A 167 -17.01 18.74 20.05
N ALA A 168 -16.16 17.77 19.76
CA ALA A 168 -14.83 18.09 19.26
C ALA A 168 -14.88 18.58 17.81
N ALA A 169 -13.92 19.44 17.45
CA ALA A 169 -13.90 20.09 16.15
C ALA A 169 -13.67 19.13 15.00
N VAL A 170 -14.43 19.32 13.93
CA VAL A 170 -14.21 18.60 12.68
C VAL A 170 -14.41 19.58 11.54
N GLY A 171 -13.48 19.62 10.59
CA GLY A 171 -13.52 20.60 9.52
C GLY A 171 -14.42 20.26 8.35
N LYS A 172 -14.39 21.07 7.31
CA LYS A 172 -15.26 20.85 6.16
C LYS A 172 -14.58 20.00 5.07
N ASP A 173 -15.37 19.14 4.44
CA ASP A 173 -14.90 18.32 3.32
C ASP A 173 -15.11 19.08 2.01
N PRO A 174 -14.02 19.51 1.37
CA PRO A 174 -14.10 20.33 0.16
C PRO A 174 -14.18 19.53 -1.15
N LEU A 175 -14.14 18.20 -1.07
CA LEU A 175 -14.15 17.36 -2.27
C LEU A 175 -15.55 16.85 -2.62
N TYR A 176 -16.36 16.56 -1.61
CA TYR A 176 -17.63 15.85 -1.77
C TYR A 176 -18.51 16.45 -2.86
N ASN A 177 -18.82 17.74 -2.75
CA ASN A 177 -19.73 18.37 -3.69
C ASN A 177 -19.24 18.32 -5.13
N GLU A 178 -17.95 18.57 -5.34
CA GLU A 178 -17.39 18.50 -6.69
C GLU A 178 -17.51 17.08 -7.27
N LEU A 179 -17.14 16.08 -6.47
CA LEU A 179 -17.22 14.67 -6.90
C LEU A 179 -18.67 14.25 -7.22
N LYS A 180 -19.59 14.63 -6.35
CA LYS A 180 -21.00 14.31 -6.52
C LYS A 180 -21.54 14.97 -7.81
N SER A 181 -21.21 16.24 -8.00
CA SER A 181 -21.60 16.95 -9.22
C SER A 181 -21.03 16.30 -10.49
N THR A 182 -19.78 15.86 -10.40
CA THR A 182 -19.10 15.30 -11.55
C THR A 182 -19.64 13.93 -11.98
N TYR A 183 -19.85 13.06 -10.99
CA TYR A 183 -20.18 11.67 -11.26
C TYR A 183 -21.67 11.35 -11.07
N GLY A 184 -22.43 12.33 -10.58
CA GLY A 184 -23.85 12.14 -10.39
C GLY A 184 -24.23 11.10 -9.34
N THR A 185 -23.35 10.92 -8.35
CA THR A 185 -23.60 10.00 -7.25
C THR A 185 -22.80 10.43 -6.04
N SER A 186 -23.20 9.94 -4.86
CA SER A 186 -22.39 10.20 -3.67
C SER A 186 -21.48 9.03 -3.31
N GLN A 187 -21.56 7.95 -4.08
CA GLN A 187 -20.75 6.78 -3.81
C GLN A 187 -19.27 7.01 -4.12
N VAL A 188 -18.40 6.30 -3.42
CA VAL A 188 -16.96 6.47 -3.56
C VAL A 188 -16.36 5.41 -4.49
N TYR A 189 -15.58 5.85 -5.47
CA TYR A 189 -14.92 4.93 -6.39
C TYR A 189 -13.44 4.80 -6.00
N GLY A 190 -13.18 3.95 -5.02
CA GLY A 190 -11.83 3.66 -4.58
C GLY A 190 -11.80 2.22 -4.11
N MET A 191 -10.63 1.60 -4.11
CA MET A 191 -10.55 0.21 -3.67
C MET A 191 -10.49 0.11 -2.15
N HIS A 192 -11.22 -0.85 -1.60
CA HIS A 192 -11.02 -1.19 -0.20
C HIS A 192 -9.78 -2.08 -0.13
N TRP A 193 -9.06 -2.05 0.99
CA TRP A 193 -7.71 -2.59 0.98
C TRP A 193 -7.64 -4.12 1.16
N LEU A 194 -8.66 -4.73 1.76
CA LEU A 194 -8.54 -6.14 2.16
C LEU A 194 -9.79 -6.95 1.84
N LEU A 195 -9.57 -8.08 1.17
CA LEU A 195 -10.69 -8.90 0.73
C LEU A 195 -10.49 -10.36 1.15
N ASP A 196 -11.50 -10.98 1.75
CA ASP A 196 -11.41 -12.41 2.09
C ASP A 196 -11.91 -13.22 0.90
N VAL A 197 -10.98 -13.58 0.02
CA VAL A 197 -11.32 -14.02 -1.33
C VAL A 197 -12.19 -15.27 -1.33
N ASP A 198 -11.91 -16.22 -0.45
CA ASP A 198 -12.70 -17.45 -0.42
C ASP A 198 -13.48 -17.65 0.88
N ASN A 199 -13.81 -16.54 1.56
CA ASN A 199 -14.64 -16.56 2.77
C ASN A 199 -14.07 -17.49 3.84
N TRP A 200 -12.75 -17.39 4.03
CA TRP A 200 -12.05 -18.23 4.98
C TRP A 200 -12.49 -17.98 6.42
N TYR A 201 -12.76 -16.72 6.77
CA TYR A 201 -13.24 -16.39 8.12
C TYR A 201 -14.69 -16.79 8.34
N GLY A 202 -15.43 -16.95 7.25
CA GLY A 202 -16.82 -17.35 7.33
C GLY A 202 -17.79 -16.22 7.54
N PHE A 203 -17.34 -14.97 7.42
CA PHE A 203 -18.26 -13.83 7.58
C PHE A 203 -19.32 -13.80 6.49
N GLY A 204 -19.07 -14.52 5.39
CA GLY A 204 -20.00 -14.63 4.29
C GLY A 204 -20.96 -15.80 4.45
N GLY A 205 -20.90 -16.47 5.60
CA GLY A 205 -21.77 -17.61 5.83
C GLY A 205 -21.09 -18.96 5.72
N ALA A 206 -21.80 -20.00 6.12
CA ALA A 206 -21.20 -21.32 6.30
C ALA A 206 -20.99 -22.06 4.99
N THR A 207 -21.65 -21.62 3.93
CA THR A 207 -21.56 -22.35 2.68
C THR A 207 -21.22 -21.46 1.48
N SER A 208 -20.39 -20.45 1.68
CA SER A 208 -20.01 -19.60 0.56
C SER A 208 -18.50 -19.51 0.41
N THR A 209 -18.00 -19.43 -0.82
CA THR A 209 -16.60 -19.05 -1.04
C THR A 209 -16.48 -17.79 -1.87
N SER A 210 -17.55 -17.01 -1.93
CA SER A 210 -17.52 -15.73 -2.63
C SER A 210 -16.72 -14.74 -1.80
N PRO A 211 -16.13 -13.74 -2.44
CA PRO A 211 -15.27 -12.84 -1.67
C PRO A 211 -16.08 -12.01 -0.68
N VAL A 212 -15.45 -11.69 0.45
CA VAL A 212 -16.04 -10.89 1.50
C VAL A 212 -15.13 -9.73 1.87
N TYR A 213 -15.67 -8.52 1.94
CA TYR A 213 -14.90 -7.38 2.42
C TYR A 213 -14.66 -7.52 3.92
N ILE A 214 -13.39 -7.49 4.33
CA ILE A 214 -13.09 -7.60 5.75
C ILE A 214 -12.08 -6.51 6.11
N ASN A 215 -11.94 -6.25 7.41
CA ASN A 215 -10.89 -5.35 7.86
C ASN A 215 -10.22 -5.93 9.10
N THR A 216 -9.03 -5.43 9.45
CA THR A 216 -8.32 -5.93 10.62
C THR A 216 -7.94 -4.78 11.56
N PHE A 217 -6.89 -4.04 11.21
CA PHE A 217 -6.38 -2.95 12.03
C PHE A 217 -7.46 -1.97 12.44
N GLN A 218 -7.57 -1.70 13.75
CA GLN A 218 -8.56 -0.76 14.25
C GLN A 218 -8.08 0.01 15.48
N ARG A 219 -7.09 -0.55 16.16
CA ARG A 219 -6.74 -0.11 17.52
C ARG A 219 -5.35 0.53 17.66
N GLY A 220 -4.97 1.36 16.69
CA GLY A 220 -3.85 2.24 16.88
C GLY A 220 -2.43 1.75 16.66
N VAL A 221 -1.48 2.55 17.15
CA VAL A 221 -0.06 2.42 16.83
C VAL A 221 0.54 1.09 17.30
N GLN A 222 -0.01 0.50 18.36
CA GLN A 222 0.58 -0.72 18.90
C GLN A 222 -0.17 -2.00 18.51
N GLU A 223 -1.18 -1.89 17.66
CA GLU A 223 -1.88 -3.10 17.22
C GLU A 223 -1.23 -3.72 15.98
N SER A 224 -0.37 -4.69 16.20
CA SER A 224 0.27 -5.40 15.09
C SER A 224 -0.75 -6.30 14.41
N CYS A 225 -0.35 -6.88 13.27
CA CYS A 225 -1.21 -7.82 12.57
C CYS A 225 -1.53 -9.05 13.42
N TRP A 226 -0.76 -9.26 14.49
CA TRP A 226 -0.98 -10.39 15.40
C TRP A 226 -1.97 -10.04 16.50
N GLU A 227 -2.38 -8.78 16.56
CA GLU A 227 -3.12 -8.28 17.72
C GLU A 227 -4.51 -7.77 17.35
N THR A 228 -4.93 -8.05 16.12
CA THR A 228 -6.22 -7.57 15.64
C THR A 228 -7.35 -8.55 15.92
N VAL A 229 -8.57 -8.07 15.72
CA VAL A 229 -9.72 -8.96 15.66
C VAL A 229 -10.40 -8.70 14.33
N PRO A 230 -10.29 -9.67 13.40
CA PRO A 230 -10.86 -9.47 12.06
C PRO A 230 -12.35 -9.24 12.13
N GLN A 231 -12.82 -8.37 11.27
CA GLN A 231 -14.22 -7.99 11.23
C GLN A 231 -14.76 -7.81 9.82
N PRO A 232 -16.07 -8.07 9.65
CA PRO A 232 -16.61 -7.78 8.32
C PRO A 232 -16.76 -6.29 8.11
N CYS A 233 -16.51 -5.82 6.89
CA CYS A 233 -16.72 -4.40 6.59
C CYS A 233 -18.19 -4.03 6.79
N LYS A 234 -19.09 -4.96 6.45
CA LYS A 234 -20.51 -4.77 6.75
C LYS A 234 -20.82 -5.45 8.06
N ASP A 235 -20.86 -4.68 9.14
CA ASP A 235 -21.14 -5.30 10.42
C ASP A 235 -22.64 -5.27 10.63
N GLU A 236 -23.29 -6.40 10.37
CA GLU A 236 -24.72 -6.55 10.52
C GLU A 236 -25.03 -7.24 11.85
N MET A 237 -24.00 -7.34 12.70
CA MET A 237 -24.09 -7.94 14.03
C MET A 237 -24.49 -9.42 14.03
N LYS A 238 -24.25 -10.10 12.92
CA LYS A 238 -24.54 -11.53 12.84
C LYS A 238 -23.45 -12.32 13.56
N TYR A 239 -22.24 -11.75 13.61
CA TYR A 239 -21.09 -12.38 14.23
C TYR A 239 -20.43 -11.43 15.23
N GLY A 240 -19.58 -11.98 16.11
CA GLY A 240 -18.95 -11.21 17.17
C GLY A 240 -19.75 -11.25 18.46
N GLY A 241 -19.98 -10.08 19.06
CA GLY A 241 -20.70 -10.01 20.32
C GLY A 241 -22.05 -9.36 20.10
N ARG A 242 -22.61 -8.78 21.16
CA ARG A 242 -23.97 -8.24 21.10
C ARG A 242 -24.11 -7.12 20.09
N ASN A 243 -23.03 -6.36 19.90
CA ASN A 243 -23.01 -5.28 18.91
C ASN A 243 -22.08 -5.57 17.76
N GLY A 244 -22.01 -6.84 17.39
CA GLY A 244 -21.07 -7.28 16.37
C GLY A 244 -19.66 -7.09 16.91
N PHE A 245 -18.81 -6.44 16.13
CA PHE A 245 -17.45 -6.15 16.59
C PHE A 245 -17.30 -4.67 16.90
N LEU A 246 -18.35 -3.89 16.67
CA LEU A 246 -18.24 -2.44 16.66
C LEU A 246 -17.74 -1.85 17.99
N ASP A 247 -18.22 -2.37 19.11
CA ASP A 247 -17.88 -1.80 20.41
C ASP A 247 -16.55 -2.30 20.96
N LEU A 248 -15.79 -3.04 20.15
CA LEU A 248 -14.39 -3.27 20.48
C LEU A 248 -13.54 -2.05 20.15
N PHE A 249 -14.05 -1.25 19.23
CA PHE A 249 -13.24 -0.24 18.58
C PHE A 249 -13.72 1.19 18.83
N THR A 250 -15.03 1.39 18.75
CA THR A 250 -15.61 2.71 18.95
C THR A 250 -16.63 2.71 20.09
N GLY A 251 -16.60 3.77 20.89
CA GLY A 251 -17.52 3.92 22.00
C GLY A 251 -18.67 4.86 21.71
N ASP A 252 -19.87 4.35 21.89
CA ASP A 252 -21.08 5.12 21.66
C ASP A 252 -22.17 4.57 22.57
N SER A 253 -23.29 5.28 22.68
CA SER A 253 -24.35 4.87 23.60
C SER A 253 -25.27 3.84 22.96
N GLN A 254 -25.23 3.72 21.63
CA GLN A 254 -25.97 2.68 20.93
C GLN A 254 -25.25 2.38 19.63
N TYR A 255 -25.60 1.28 18.98
CA TYR A 255 -24.89 0.82 17.80
C TYR A 255 -25.86 0.34 16.75
N ALA A 256 -25.64 0.73 15.50
CA ALA A 256 -26.49 0.28 14.40
C ALA A 256 -25.69 -0.49 13.38
N THR A 257 -26.37 -1.32 12.61
CA THR A 257 -25.71 -2.08 11.54
C THR A 257 -25.14 -1.09 10.54
N GLN A 258 -23.98 -1.39 9.96
CA GLN A 258 -23.27 -0.39 9.18
C GLN A 258 -22.17 -0.96 8.29
N PHE A 259 -21.73 -0.17 7.30
CA PHE A 259 -20.59 -0.59 6.48
C PHE A 259 -19.47 0.41 6.74
N LYS A 260 -18.23 -0.03 6.57
CA LYS A 260 -17.08 0.87 6.67
C LYS A 260 -15.97 0.27 5.78
N TYR A 261 -15.39 1.10 4.92
CA TYR A 261 -14.32 0.69 4.02
C TYR A 261 -13.09 1.58 4.16
N THR A 262 -11.93 1.02 3.90
CA THR A 262 -10.69 1.76 4.06
C THR A 262 -9.78 1.60 2.83
N ASN A 263 -9.40 2.74 2.25
CA ASN A 263 -8.53 2.78 1.09
C ASN A 263 -7.07 2.58 1.46
N ALA A 264 -6.28 2.00 0.57
CA ALA A 264 -4.82 2.04 0.67
C ALA A 264 -4.32 2.88 -0.49
N PRO A 265 -4.00 4.16 -0.23
CA PRO A 265 -3.75 5.10 -1.33
C PRO A 265 -2.56 4.71 -2.22
N ASP A 266 -1.60 4.02 -1.66
CA ASP A 266 -0.47 3.59 -2.47
C ASP A 266 -0.90 2.59 -3.55
N ALA A 267 -1.91 1.79 -3.25
CA ALA A 267 -2.39 0.82 -4.23
C ALA A 267 -3.20 1.49 -5.35
N ASP A 268 -4.07 2.42 -4.99
CA ASP A 268 -4.86 3.12 -6.00
C ASP A 268 -3.93 3.95 -6.91
N ALA A 269 -2.89 4.52 -6.31
CA ALA A 269 -1.92 5.26 -7.10
C ALA A 269 -1.18 4.29 -8.05
N ARG A 270 -0.86 3.09 -7.56
CA ARG A 270 -0.21 2.12 -8.43
C ARG A 270 -1.15 1.72 -9.58
N ALA A 271 -2.45 1.68 -9.31
CA ALA A 271 -3.43 1.41 -10.37
C ALA A 271 -3.36 2.45 -11.48
N VAL A 272 -3.21 3.71 -11.07
CA VAL A 272 -3.09 4.79 -12.05
C VAL A 272 -1.78 4.66 -12.86
N GLN A 273 -0.68 4.38 -12.17
CA GLN A 273 0.60 4.18 -12.82
C GLN A 273 0.57 3.05 -13.87
N ALA A 274 -0.04 1.93 -13.47
CA ALA A 274 -0.17 0.77 -14.33
C ALA A 274 -1.01 1.07 -15.56
N THR A 275 -2.10 1.80 -15.35
CA THR A 275 -3.02 2.05 -16.44
C THR A 275 -2.38 3.00 -17.43
N TYR A 276 -1.57 3.93 -16.93
CA TYR A 276 -0.79 4.80 -17.80
C TYR A 276 0.18 4.00 -18.69
N TYR A 277 0.86 3.03 -18.08
CA TYR A 277 1.79 2.21 -18.88
C TYR A 277 1.02 1.47 -19.98
N ALA A 278 -0.15 0.96 -19.60
CA ALA A 278 -1.04 0.30 -20.55
C ALA A 278 -1.45 1.23 -21.67
N GLN A 279 -1.71 2.50 -21.34
CA GLN A 279 -2.15 3.46 -22.35
C GLN A 279 -1.04 3.82 -23.35
N LEU A 280 0.20 3.93 -22.86
CA LEU A 280 1.34 4.14 -23.76
C LEU A 280 1.44 2.98 -24.74
N ALA A 281 1.30 1.78 -24.20
CA ALA A 281 1.33 0.61 -25.05
C ALA A 281 0.16 0.65 -26.05
N ALA A 282 -1.02 1.04 -25.59
CA ALA A 282 -2.20 1.06 -26.43
C ALA A 282 -2.04 2.01 -27.62
N LYS A 283 -1.46 3.18 -27.38
CA LYS A 283 -1.23 4.10 -28.48
C LYS A 283 -0.18 3.53 -29.44
N GLU A 284 0.84 2.88 -28.88
CA GLU A 284 1.87 2.25 -29.69
C GLU A 284 1.26 1.16 -30.59
N TRP A 285 0.34 0.34 -30.06
CA TRP A 285 -0.26 -0.77 -30.80
C TRP A 285 -1.55 -0.41 -31.53
N GLY A 286 -2.06 0.80 -31.31
CA GLY A 286 -3.29 1.23 -31.97
C GLY A 286 -4.54 0.56 -31.44
N VAL A 287 -4.58 0.36 -30.13
CA VAL A 287 -5.72 -0.28 -29.49
C VAL A 287 -6.45 0.73 -28.60
N ASP A 288 -7.77 0.64 -28.53
CA ASP A 288 -8.53 1.58 -27.72
C ASP A 288 -8.86 0.98 -26.36
N ILE A 289 -8.30 1.56 -25.29
CA ILE A 289 -8.67 1.17 -23.94
C ILE A 289 -9.18 2.36 -23.11
N SER A 290 -9.78 3.33 -23.80
CA SER A 290 -10.23 4.59 -23.20
C SER A 290 -11.17 4.46 -21.98
N SER A 291 -12.04 3.46 -21.98
CA SER A 291 -13.00 3.30 -20.89
C SER A 291 -12.26 2.88 -19.62
N TYR A 292 -11.15 2.16 -19.81
CA TYR A 292 -10.34 1.73 -18.68
C TYR A 292 -9.47 2.89 -18.18
N VAL A 293 -9.02 3.71 -19.12
CA VAL A 293 -8.37 4.94 -18.75
C VAL A 293 -9.32 5.74 -17.87
N ALA A 294 -10.59 5.79 -18.29
CA ALA A 294 -11.62 6.52 -17.54
C ALA A 294 -11.83 5.93 -16.14
N LYS A 295 -11.73 4.61 -16.02
CA LYS A 295 -11.81 4.00 -14.69
C LYS A 295 -10.68 4.51 -13.81
N SER A 296 -9.46 4.48 -14.34
CA SER A 296 -8.29 4.88 -13.54
C SER A 296 -8.36 6.37 -13.15
N THR A 297 -8.84 7.22 -14.04
CA THR A 297 -8.92 8.65 -13.73
C THR A 297 -10.02 8.92 -12.71
N LYS A 298 -11.10 8.16 -12.76
CA LYS A 298 -12.15 8.28 -11.76
C LYS A 298 -11.60 7.89 -10.38
N MET A 299 -10.85 6.79 -10.35
CA MET A 299 -10.22 6.33 -9.11
C MET A 299 -9.25 7.37 -8.58
N GLY A 300 -8.46 7.95 -9.49
CA GLY A 300 -7.52 8.99 -9.15
C GLY A 300 -8.22 10.24 -8.67
N ASP A 301 -9.44 10.43 -9.12
CA ASP A 301 -10.23 11.58 -8.71
C ASP A 301 -10.59 11.42 -7.25
N PHE A 302 -11.09 10.24 -6.89
CA PHE A 302 -11.42 10.00 -5.49
C PHE A 302 -10.19 9.89 -4.60
N LEU A 303 -9.06 9.53 -5.19
CA LEU A 303 -7.83 9.37 -4.44
C LEU A 303 -7.38 10.68 -3.79
N ARG A 304 -7.93 11.81 -4.23
CA ARG A 304 -7.67 13.10 -3.58
C ARG A 304 -8.04 13.14 -2.09
N TYR A 305 -8.90 12.24 -1.64
CA TYR A 305 -9.19 12.17 -0.20
C TYR A 305 -7.94 11.81 0.60
N SER A 306 -6.97 11.17 -0.03
CA SER A 306 -5.74 10.83 0.65
C SER A 306 -4.87 12.07 0.91
N PHE A 307 -5.30 13.23 0.39
CA PHE A 307 -4.58 14.48 0.63
C PHE A 307 -4.94 15.11 1.97
N PHE A 308 -5.96 14.59 2.66
CA PHE A 308 -6.56 15.34 3.75
C PHE A 308 -6.34 14.79 5.16
N ASP A 309 -6.17 15.72 6.10
CA ASP A 309 -6.13 15.41 7.53
C ASP A 309 -7.34 14.58 7.94
N LYS A 310 -7.15 13.70 8.92
CA LYS A 310 -8.19 12.76 9.32
C LYS A 310 -9.55 13.40 9.56
N TYR A 311 -9.58 14.45 10.37
CA TYR A 311 -10.85 15.10 10.66
C TYR A 311 -10.90 16.50 10.09
N PHE A 312 -10.21 16.68 8.97
CA PHE A 312 -10.20 17.93 8.24
C PHE A 312 -9.80 19.11 9.13
N ARG A 313 -8.83 18.86 10.00
CA ARG A 313 -8.25 19.87 10.85
C ARG A 313 -7.22 20.66 10.05
N LYS A 314 -7.00 21.93 10.40
CA LYS A 314 -6.02 22.75 9.69
C LYS A 314 -4.62 22.14 9.77
N VAL A 315 -3.91 22.12 8.65
CA VAL A 315 -2.56 21.59 8.64
C VAL A 315 -1.60 22.56 9.34
N GLY A 316 -0.88 22.05 10.33
CA GLY A 316 0.04 22.85 11.13
C GLY A 316 -0.62 23.70 12.21
N ASN A 317 -1.93 23.55 12.34
CA ASN A 317 -2.69 24.24 13.36
C ASN A 317 -3.86 23.34 13.74
N SER A 318 -3.51 22.12 14.11
CA SER A 318 -4.42 21.00 14.08
C SER A 318 -5.49 20.94 15.18
N THR A 319 -5.45 21.88 16.12
CA THR A 319 -6.56 21.97 17.07
C THR A 319 -7.78 22.65 16.44
N GLN A 320 -7.59 23.26 15.28
CA GLN A 320 -8.62 24.04 14.60
C GLN A 320 -9.32 23.27 13.47
N ALA A 321 -10.63 23.40 13.40
CA ALA A 321 -11.39 22.84 12.29
C ALA A 321 -11.03 23.55 10.98
N GLY A 322 -10.79 22.80 9.92
CA GLY A 322 -10.52 23.41 8.63
C GLY A 322 -11.76 23.94 7.92
N THR A 323 -11.55 24.83 6.95
CA THR A 323 -12.66 25.40 6.17
C THR A 323 -12.66 24.95 4.71
N GLY A 324 -11.76 24.03 4.38
CA GLY A 324 -11.71 23.50 3.02
C GLY A 324 -10.31 22.98 2.75
N TYR A 325 -9.60 23.60 1.82
CA TYR A 325 -8.27 23.12 1.46
C TYR A 325 -7.17 23.44 2.47
N ASP A 326 -7.47 24.21 3.51
CA ASP A 326 -6.49 24.43 4.57
C ASP A 326 -6.23 23.17 5.39
N SER A 327 -7.03 22.12 5.17
CA SER A 327 -6.79 20.82 5.82
C SER A 327 -6.09 19.86 4.83
N ALA A 328 -5.71 20.37 3.66
CA ALA A 328 -5.02 19.54 2.67
C ALA A 328 -3.52 19.45 2.95
N GLN A 329 -3.06 18.22 3.18
CA GLN A 329 -1.66 17.94 3.39
C GLN A 329 -0.92 17.73 2.07
N TYR A 330 -1.67 17.32 1.05
CA TYR A 330 -1.21 17.20 -0.34
C TYR A 330 -0.21 16.05 -0.56
N LEU A 331 -0.16 15.10 0.36
CA LEU A 331 0.63 13.88 0.14
C LEU A 331 -0.34 12.71 0.00
N LEU A 332 0.20 11.52 -0.27
CA LEU A 332 -0.63 10.33 -0.16
C LEU A 332 -0.56 9.83 1.28
N ASN A 333 -1.64 10.04 2.03
CA ASN A 333 -1.66 9.67 3.44
C ASN A 333 -1.86 8.16 3.63
N TRP A 334 -1.96 7.72 4.87
CA TRP A 334 -2.01 6.29 5.15
C TRP A 334 -3.33 5.66 4.71
N TYR A 335 -4.40 6.45 4.70
CA TYR A 335 -5.68 5.96 4.22
C TYR A 335 -6.70 7.09 4.13
N TYR A 336 -7.73 6.88 3.32
CA TYR A 336 -9.00 7.52 3.63
C TYR A 336 -9.99 6.41 3.86
N ALA A 337 -11.03 6.70 4.62
CA ALA A 337 -12.02 5.70 4.93
C ALA A 337 -13.40 6.31 4.87
N TRP A 338 -14.40 5.48 4.66
CA TRP A 338 -15.75 5.99 4.60
C TRP A 338 -16.72 4.92 5.04
N GLY A 339 -17.87 5.34 5.56
CA GLY A 339 -18.80 4.37 6.09
C GLY A 339 -20.18 4.95 6.24
N GLY A 340 -21.11 4.13 6.73
CA GLY A 340 -22.48 4.59 6.90
C GLY A 340 -23.46 3.51 7.33
N GLY A 341 -24.73 3.87 7.40
CA GLY A 341 -25.75 2.98 7.92
C GLY A 341 -26.29 1.98 6.93
N ILE A 342 -26.69 0.81 7.43
CA ILE A 342 -27.41 -0.18 6.65
C ILE A 342 -28.91 -0.13 6.98
N SER A 343 -29.23 -0.19 8.27
CA SER A 343 -30.62 -0.17 8.72
C SER A 343 -31.24 1.22 8.57
N SER A 344 -30.40 2.25 8.51
CA SER A 344 -30.89 3.61 8.26
C SER A 344 -29.84 4.39 7.45
N ASN A 345 -30.20 5.61 7.02
CA ASN A 345 -29.41 6.31 6.01
C ASN A 345 -28.58 7.45 6.62
N TRP A 346 -27.26 7.23 6.69
CA TRP A 346 -26.33 8.21 7.24
C TRP A 346 -24.94 7.79 6.80
N SER A 347 -23.99 8.71 6.77
CA SER A 347 -22.64 8.37 6.34
C SER A 347 -21.58 9.33 6.86
N TRP A 348 -20.33 8.90 6.77
CA TRP A 348 -19.21 9.67 7.28
C TRP A 348 -17.99 9.37 6.41
N ARG A 349 -17.01 10.28 6.46
CA ARG A 349 -15.75 10.10 5.74
C ARG A 349 -14.59 10.65 6.56
N ILE A 350 -13.44 9.98 6.51
CA ILE A 350 -12.24 10.53 7.12
C ILE A 350 -11.04 10.44 6.18
N GLY A 351 -10.07 11.33 6.36
CA GLY A 351 -8.76 11.14 5.76
C GLY A 351 -7.82 10.46 6.73
N SER A 352 -6.56 10.86 6.71
CA SER A 352 -5.59 10.44 7.71
C SER A 352 -4.55 11.53 7.89
N SER A 353 -4.21 11.79 9.13
CA SER A 353 -3.21 12.80 9.46
C SER A 353 -1.78 12.30 9.26
N HIS A 354 -1.63 11.00 8.97
CA HIS A 354 -0.33 10.38 8.91
C HIS A 354 0.15 10.14 7.49
N ASN A 355 1.44 10.33 7.26
CA ASN A 355 2.03 10.22 5.92
C ASN A 355 3.37 9.52 5.95
N HIS A 356 3.53 8.54 5.06
CA HIS A 356 4.73 7.71 4.97
C HIS A 356 5.34 7.92 3.58
N PHE A 357 6.65 8.12 3.47
CA PHE A 357 7.27 8.37 2.16
C PHE A 357 6.99 7.20 1.23
N GLY A 358 6.87 6.01 1.82
CA GLY A 358 6.73 4.76 1.07
C GLY A 358 5.43 4.66 0.31
N TYR A 359 4.48 5.52 0.64
CA TYR A 359 3.19 5.51 -0.04
C TYR A 359 3.16 6.45 -1.24
N GLN A 360 4.12 7.37 -1.32
CA GLN A 360 4.04 8.44 -2.32
C GLN A 360 4.17 7.89 -3.74
N ASN A 361 3.69 8.66 -4.71
CA ASN A 361 3.76 8.23 -6.10
C ASN A 361 3.77 9.42 -7.06
N PRO A 362 4.94 10.02 -7.25
CA PRO A 362 5.05 11.16 -8.15
C PRO A 362 4.71 10.78 -9.58
N MET A 363 4.90 9.51 -9.94
CA MET A 363 4.51 9.06 -11.26
C MET A 363 2.99 9.18 -11.46
N ALA A 364 2.21 8.64 -10.53
CA ALA A 364 0.75 8.76 -10.56
C ALA A 364 0.30 10.23 -10.53
N ALA A 365 0.94 11.03 -9.68
CA ALA A 365 0.55 12.43 -9.54
C ALA A 365 0.78 13.19 -10.85
N TRP A 366 1.92 12.89 -11.49
CA TRP A 366 2.28 13.49 -12.76
C TRP A 366 1.30 13.04 -13.84
N ILE A 367 0.96 11.76 -13.83
CA ILE A 367 0.00 11.21 -14.79
C ILE A 367 -1.31 11.99 -14.71
N LEU A 368 -1.78 12.20 -13.48
CA LEU A 368 -3.09 12.80 -13.29
C LEU A 368 -3.08 14.30 -13.54
N SER A 369 -1.90 14.94 -13.47
CA SER A 369 -1.89 16.39 -13.53
C SER A 369 -1.30 16.98 -14.81
N ASN A 370 -0.46 16.22 -15.51
CA ASN A 370 0.31 16.76 -16.61
C ASN A 370 0.24 15.94 -17.89
N THR A 371 -0.74 15.06 -17.99
CA THR A 371 -1.03 14.39 -19.25
C THR A 371 -2.50 14.62 -19.59
N SER A 372 -2.80 14.81 -20.87
CA SER A 372 -4.18 15.05 -21.30
C SER A 372 -5.09 13.82 -21.17
N ASP A 373 -4.57 12.64 -21.48
CA ASP A 373 -5.39 11.43 -21.44
C ASP A 373 -5.95 11.14 -20.05
N PHE A 374 -5.20 11.52 -19.02
CA PHE A 374 -5.57 11.16 -17.66
C PHE A 374 -6.01 12.33 -16.78
N LYS A 375 -6.38 13.46 -17.41
CA LYS A 375 -6.99 14.55 -16.68
C LYS A 375 -8.33 14.07 -16.16
N PRO A 376 -8.50 14.06 -14.83
CA PRO A 376 -9.79 13.56 -14.31
C PRO A 376 -10.92 14.55 -14.57
N LYS A 377 -12.16 14.08 -14.54
CA LYS A 377 -13.32 14.91 -14.88
C LYS A 377 -13.60 16.03 -13.92
N SER A 378 -13.25 15.87 -12.65
CA SER A 378 -13.49 16.95 -11.71
C SER A 378 -12.64 18.15 -12.07
N PRO A 379 -13.27 19.34 -12.16
CA PRO A 379 -12.62 20.57 -12.61
C PRO A 379 -11.30 20.86 -11.88
N ASN A 380 -11.28 20.69 -10.57
CA ASN A 380 -10.11 21.02 -9.77
C ASN A 380 -9.08 19.89 -9.62
N ALA A 381 -9.38 18.72 -10.19
CA ALA A 381 -8.58 17.52 -9.91
C ALA A 381 -7.14 17.60 -10.38
N ALA A 382 -6.94 18.06 -11.61
CA ALA A 382 -5.59 18.14 -12.18
C ALA A 382 -4.74 19.11 -11.38
N THR A 383 -5.32 20.24 -11.02
CA THR A 383 -4.60 21.22 -10.22
C THR A 383 -4.20 20.68 -8.86
N ASP A 384 -5.14 20.01 -8.21
CA ASP A 384 -4.87 19.41 -6.91
C ASP A 384 -3.73 18.42 -7.05
N TRP A 385 -3.78 17.59 -8.08
CA TRP A 385 -2.74 16.60 -8.28
C TRP A 385 -1.39 17.25 -8.61
N ASN A 386 -1.41 18.38 -9.30
CA ASN A 386 -0.16 19.10 -9.59
C ASN A 386 0.49 19.63 -8.31
N ASN A 387 -0.36 20.13 -7.42
CA ASN A 387 0.13 20.62 -6.15
C ASN A 387 0.66 19.46 -5.31
N SER A 388 -0.02 18.33 -5.39
CA SER A 388 0.44 17.16 -4.69
C SER A 388 1.78 16.66 -5.25
N LEU A 389 1.95 16.69 -6.57
CA LEU A 389 3.19 16.27 -7.21
C LEU A 389 4.39 17.04 -6.66
N LYS A 390 4.25 18.37 -6.66
CA LYS A 390 5.33 19.22 -6.16
C LYS A 390 5.60 18.88 -4.68
N ARG A 391 4.53 18.79 -3.89
CA ARG A 391 4.66 18.52 -2.47
C ARG A 391 5.33 17.17 -2.19
N GLN A 392 4.95 16.15 -2.95
CA GLN A 392 5.53 14.82 -2.79
C GLN A 392 7.03 14.85 -3.06
N ILE A 393 7.46 15.52 -4.12
CA ILE A 393 8.90 15.53 -4.42
C ILE A 393 9.69 16.27 -3.31
N GLU A 394 9.10 17.36 -2.82
CA GLU A 394 9.69 18.03 -1.67
C GLU A 394 9.77 17.09 -0.47
N PHE A 395 8.73 16.29 -0.28
CA PHE A 395 8.64 15.37 0.84
C PHE A 395 9.76 14.32 0.79
N TYR A 396 9.99 13.74 -0.38
CA TYR A 396 11.10 12.80 -0.52
C TYR A 396 12.41 13.49 -0.16
N GLN A 397 12.59 14.72 -0.64
CA GLN A 397 13.86 15.39 -0.37
C GLN A 397 14.05 15.68 1.11
N TRP A 398 12.98 16.13 1.78
CA TRP A 398 13.03 16.47 3.20
C TRP A 398 13.44 15.29 4.07
N LEU A 399 13.00 14.10 3.67
CA LEU A 399 13.21 12.88 4.45
C LEU A 399 14.49 12.13 4.09
N GLN A 400 15.26 12.63 3.13
CA GLN A 400 16.44 11.87 2.72
C GLN A 400 17.56 12.01 3.74
N SER A 401 17.96 10.88 4.33
CA SER A 401 18.98 10.82 5.36
C SER A 401 20.39 11.17 4.85
N ALA A 402 21.31 11.35 5.79
CA ALA A 402 22.72 11.60 5.45
C ALA A 402 23.28 10.52 4.54
N GLU A 403 22.89 9.27 4.81
CA GLU A 403 23.40 8.13 4.05
C GLU A 403 22.71 8.01 2.70
N GLY A 404 21.42 8.36 2.64
CA GLY A 404 20.70 8.36 1.39
C GLY A 404 19.33 7.68 1.43
N GLY A 405 19.13 6.79 2.39
CA GLY A 405 17.83 6.18 2.57
C GLY A 405 16.80 7.20 2.98
N ILE A 406 15.54 6.97 2.63
CA ILE A 406 14.48 7.92 2.94
C ILE A 406 13.85 7.59 4.29
N ALA A 407 13.82 8.60 5.16
CA ALA A 407 13.25 8.44 6.49
C ALA A 407 11.73 8.40 6.45
N GLY A 408 11.12 8.14 7.61
CA GLY A 408 9.74 7.69 7.67
C GLY A 408 8.67 8.58 7.06
N GLY A 409 8.40 9.71 7.69
CA GLY A 409 7.30 10.54 7.23
C GLY A 409 6.92 11.64 8.20
N ALA A 410 5.67 12.05 8.16
CA ALA A 410 5.23 13.14 9.02
C ALA A 410 3.73 13.10 9.27
N SER A 411 3.32 13.72 10.36
CA SER A 411 1.93 13.66 10.80
C SER A 411 1.38 15.03 11.16
N ASN A 412 0.08 15.23 10.91
CA ASN A 412 -0.60 16.42 11.40
C ASN A 412 -1.26 16.18 12.75
N SER A 413 -1.10 14.98 13.29
CA SER A 413 -1.77 14.64 14.54
C SER A 413 -0.84 13.86 15.49
N ASN A 414 -0.09 14.57 16.33
CA ASN A 414 0.81 13.94 17.28
C ASN A 414 0.04 12.97 18.19
N GLY A 415 0.49 11.72 18.26
CA GLY A 415 -0.16 10.69 19.05
C GLY A 415 -1.49 10.25 18.49
N GLY A 416 -1.83 10.74 17.30
CA GLY A 416 -3.12 10.47 16.69
C GLY A 416 -4.29 11.05 17.45
N SER A 417 -4.00 12.02 18.32
CA SER A 417 -5.03 12.74 19.07
C SER A 417 -4.73 14.24 19.16
N TYR A 418 -4.01 14.74 18.16
CA TYR A 418 -3.67 16.17 18.04
C TYR A 418 -3.02 16.74 19.27
N GLN A 419 -2.10 15.97 19.86
CA GLN A 419 -1.33 16.42 20.99
C GLN A 419 -0.36 17.49 20.54
N ALA A 420 -0.03 18.41 21.45
CA ALA A 420 0.99 19.41 21.16
C ALA A 420 2.30 18.73 20.78
N TRP A 421 3.01 19.33 19.81
CA TRP A 421 4.34 18.84 19.46
C TRP A 421 5.37 19.33 20.47
N PRO A 422 6.30 18.43 20.86
CA PRO A 422 7.42 18.78 21.73
C PRO A 422 8.26 19.92 21.15
N ALA A 423 8.82 20.79 21.99
CA ALA A 423 9.72 21.81 21.49
C ALA A 423 10.83 21.15 20.67
N GLY A 424 11.14 21.74 19.53
CA GLY A 424 12.21 21.24 18.70
C GLY A 424 11.76 20.21 17.68
N THR A 425 10.47 19.86 17.67
CA THR A 425 9.95 18.96 16.65
C THR A 425 10.30 19.48 15.26
N ARG A 426 10.83 18.61 14.41
CA ARG A 426 11.19 19.00 13.06
C ARG A 426 9.98 18.84 12.16
N THR A 427 9.74 19.83 11.31
CA THR A 427 8.46 19.87 10.60
C THR A 427 8.57 20.01 9.09
N PHE A 428 7.48 19.64 8.44
CA PHE A 428 7.32 19.73 6.99
C PHE A 428 5.94 20.31 6.73
N TYR A 429 5.89 21.56 6.30
CA TYR A 429 4.62 22.29 6.12
C TYR A 429 3.72 22.16 7.33
N GLY A 430 4.33 22.20 8.51
CA GLY A 430 3.60 22.22 9.77
C GLY A 430 3.35 20.86 10.36
N MET A 431 3.63 19.81 9.59
CA MET A 431 3.47 18.45 10.08
C MET A 431 4.77 18.00 10.73
N GLY A 432 4.67 17.31 11.86
CA GLY A 432 5.83 16.89 12.63
C GLY A 432 6.46 15.60 12.13
N TYR A 433 7.78 15.53 12.14
CA TYR A 433 8.50 14.34 11.73
C TYR A 433 8.16 13.08 12.55
N THR A 434 7.92 11.98 11.86
CA THR A 434 7.68 10.68 12.47
C THR A 434 8.52 9.59 11.81
N PRO A 435 9.49 9.03 12.56
CA PRO A 435 10.38 8.02 12.01
C PRO A 435 9.64 6.77 11.58
N HIS A 436 8.56 6.45 12.28
CA HIS A 436 7.77 5.28 11.94
C HIS A 436 6.28 5.61 11.93
N PRO A 437 5.79 6.14 10.80
CA PRO A 437 4.38 6.54 10.67
C PRO A 437 3.39 5.45 11.08
N VAL A 438 2.38 5.83 11.85
CA VAL A 438 1.19 5.01 12.10
C VAL A 438 1.47 3.81 13.01
N TYR A 439 2.49 3.01 12.69
CA TYR A 439 2.72 1.75 13.43
C TYR A 439 4.14 1.65 13.96
N GLU A 440 4.27 1.07 15.15
CA GLU A 440 5.57 0.90 15.81
C GLU A 440 5.84 -0.55 16.24
N ASP A 441 4.97 -1.47 15.86
CA ASP A 441 5.13 -2.88 16.17
C ASP A 441 4.95 -3.76 14.93
N PRO A 442 5.96 -3.82 14.05
CA PRO A 442 7.26 -3.14 14.14
C PRO A 442 7.16 -1.74 13.55
N GLY A 443 8.25 -0.96 13.60
CA GLY A 443 8.25 0.33 12.98
C GLY A 443 7.92 0.21 11.51
N SER A 444 7.02 1.07 11.03
CA SER A 444 6.57 1.00 9.65
C SER A 444 7.65 1.40 8.65
N ASN A 445 8.76 1.93 9.13
CA ASN A 445 9.88 2.22 8.24
C ASN A 445 11.10 1.36 8.51
N GLU A 446 10.89 0.24 9.18
CA GLU A 446 11.98 -0.70 9.40
C GLU A 446 12.21 -1.52 8.11
N TRP A 447 11.16 -1.79 7.37
CA TRP A 447 11.23 -2.60 6.14
C TRP A 447 11.87 -1.90 4.94
N PHE A 448 12.92 -2.49 4.40
CA PHE A 448 13.59 -1.91 3.23
C PHE A 448 12.71 -1.83 1.98
N GLY A 449 11.67 -2.65 1.89
CA GLY A 449 10.82 -2.65 0.71
C GLY A 449 10.22 -1.30 0.35
N MET A 450 9.89 -0.51 1.36
CA MET A 450 9.35 0.82 1.13
C MET A 450 10.32 1.63 0.32
N GLN A 451 11.62 1.43 0.55
CA GLN A 451 12.62 2.17 -0.20
C GLN A 451 12.49 1.86 -1.68
N ALA A 452 12.49 0.57 -2.03
CA ALA A 452 12.41 0.19 -3.45
C ALA A 452 11.10 0.60 -4.13
N TRP A 453 9.99 0.20 -3.52
CA TRP A 453 8.67 0.44 -4.07
C TRP A 453 8.50 1.89 -4.38
N SER A 454 8.86 2.72 -3.41
CA SER A 454 8.57 4.12 -3.56
C SER A 454 9.58 4.80 -4.48
N MET A 455 10.86 4.45 -4.35
CA MET A 455 11.82 5.12 -5.24
C MET A 455 11.74 4.68 -6.67
N GLN A 456 11.18 3.49 -6.91
CA GLN A 456 10.90 3.06 -8.27
C GLN A 456 9.98 4.07 -8.92
N ARG A 457 9.01 4.56 -8.16
CA ARG A 457 8.07 5.49 -8.75
C ARG A 457 8.77 6.80 -9.04
N VAL A 458 9.63 7.24 -8.13
CA VAL A 458 10.39 8.45 -8.39
C VAL A 458 11.24 8.28 -9.64
N ALA A 459 11.87 7.10 -9.75
CA ALA A 459 12.72 6.87 -10.89
C ALA A 459 11.89 6.88 -12.17
N GLU A 460 10.75 6.20 -12.16
CA GLU A 460 9.96 6.20 -13.36
C GLU A 460 9.47 7.62 -13.67
N TYR A 461 9.09 8.38 -12.63
CA TYR A 461 8.69 9.76 -12.84
C TYR A 461 9.81 10.57 -13.45
N TYR A 462 11.00 10.38 -12.89
CA TYR A 462 12.14 11.12 -13.39
C TYR A 462 12.45 10.76 -14.83
N TYR A 463 12.38 9.47 -15.16
CA TYR A 463 12.60 9.10 -16.56
C TYR A 463 11.57 9.76 -17.48
N SER A 464 10.32 9.82 -17.02
CA SER A 464 9.22 10.31 -17.85
C SER A 464 9.16 11.84 -17.99
N SER A 465 9.44 12.56 -16.89
CA SER A 465 9.28 14.00 -16.85
C SER A 465 10.61 14.75 -16.93
N LYS A 466 11.69 14.05 -16.60
CA LYS A 466 13.01 14.66 -16.39
C LYS A 466 12.99 15.89 -15.46
N ASP A 467 12.11 15.85 -14.47
CA ASP A 467 12.04 16.87 -13.42
C ASP A 467 13.39 16.96 -12.70
N PRO A 468 14.10 18.09 -12.83
CA PRO A 468 15.41 18.21 -12.20
C PRO A 468 15.39 18.10 -10.66
N ALA A 469 14.23 18.37 -10.06
CA ALA A 469 14.09 18.33 -8.61
C ALA A 469 14.28 16.93 -8.08
N ALA A 470 14.17 15.93 -8.95
CA ALA A 470 14.33 14.55 -8.50
C ALA A 470 15.76 14.02 -8.66
N LYS A 471 16.61 14.74 -9.41
CA LYS A 471 17.88 14.13 -9.78
C LYS A 471 18.77 13.82 -8.58
N SER A 472 19.10 14.85 -7.80
CA SER A 472 20.00 14.61 -6.69
C SER A 472 19.34 13.65 -5.72
N LEU A 473 18.02 13.78 -5.53
CA LEU A 473 17.31 12.82 -4.69
C LEU A 473 17.64 11.40 -5.12
N LEU A 474 17.46 11.13 -6.40
CA LEU A 474 17.77 9.82 -6.92
C LEU A 474 19.26 9.45 -6.89
N ASP A 475 20.14 10.41 -7.21
CA ASP A 475 21.57 10.12 -7.25
C ASP A 475 22.05 9.57 -5.93
N LYS A 476 21.68 10.29 -4.88
CA LYS A 476 22.12 9.99 -3.54
C LYS A 476 21.45 8.70 -3.11
N TRP A 477 20.18 8.54 -3.44
CA TRP A 477 19.52 7.31 -3.06
C TRP A 477 20.15 6.11 -3.74
N ALA A 478 20.41 6.23 -5.04
CA ALA A 478 20.93 5.09 -5.78
C ALA A 478 22.29 4.60 -5.29
N LYS A 479 23.16 5.55 -4.96
CA LYS A 479 24.47 5.20 -4.45
C LYS A 479 24.32 4.38 -3.18
N TRP A 480 23.41 4.82 -2.32
CA TRP A 480 23.20 4.14 -1.05
C TRP A 480 22.66 2.75 -1.33
N ALA A 481 21.68 2.67 -2.22
CA ALA A 481 21.11 1.38 -2.54
C ALA A 481 22.19 0.48 -3.10
N CYS A 482 22.96 0.97 -4.06
CA CYS A 482 23.97 0.12 -4.65
C CYS A 482 25.04 -0.30 -3.65
N ALA A 483 25.36 0.57 -2.70
CA ALA A 483 26.36 0.22 -1.70
C ALA A 483 25.88 -0.90 -0.78
N ASN A 484 24.58 -1.16 -0.79
CA ASN A 484 24.03 -2.14 0.12
C ASN A 484 23.48 -3.38 -0.57
N VAL A 485 23.82 -3.54 -1.85
CA VAL A 485 23.56 -4.81 -2.52
C VAL A 485 24.83 -5.63 -2.46
N GLN A 486 24.76 -6.80 -1.82
CA GLN A 486 25.93 -7.64 -1.62
C GLN A 486 25.90 -8.83 -2.56
N PHE A 487 26.73 -8.78 -3.60
CA PHE A 487 26.75 -9.85 -4.58
C PHE A 487 27.75 -10.95 -4.21
N ASP A 488 27.33 -12.19 -4.40
CA ASP A 488 28.22 -13.33 -4.42
C ASP A 488 28.26 -13.81 -5.88
N ASP A 489 29.26 -13.34 -6.61
CA ASP A 489 29.35 -13.55 -8.05
C ASP A 489 29.62 -15.01 -8.40
N ALA A 490 30.36 -15.70 -7.53
CA ALA A 490 30.68 -17.11 -7.73
C ALA A 490 29.43 -17.96 -7.66
N ALA A 491 28.57 -17.66 -6.69
CA ALA A 491 27.35 -18.41 -6.45
C ALA A 491 26.20 -17.89 -7.30
N LYS A 492 26.42 -16.72 -7.89
CA LYS A 492 25.38 -16.00 -8.62
C LYS A 492 24.17 -15.77 -7.72
N LYS A 493 24.46 -15.26 -6.52
CA LYS A 493 23.41 -14.92 -5.56
C LYS A 493 23.69 -13.54 -4.94
N PHE A 494 22.76 -13.02 -4.15
CA PHE A 494 22.96 -11.71 -3.52
C PHE A 494 22.13 -11.55 -2.26
N LYS A 495 22.42 -10.48 -1.52
CA LYS A 495 21.56 -10.06 -0.42
C LYS A 495 21.33 -8.56 -0.53
N ILE A 496 20.18 -8.11 -0.06
CA ILE A 496 19.86 -6.68 -0.04
C ILE A 496 19.41 -6.36 1.38
N PRO A 497 19.28 -5.05 1.73
CA PRO A 497 18.89 -4.80 3.12
C PRO A 497 17.52 -5.39 3.44
N ALA A 498 17.37 -5.91 4.65
CA ALA A 498 16.08 -6.41 5.11
C ALA A 498 15.45 -5.45 6.11
N LYS A 499 16.23 -5.10 7.13
CA LYS A 499 15.70 -4.28 8.24
C LYS A 499 16.56 -3.04 8.41
N LEU A 500 15.91 -1.90 8.58
CA LEU A 500 16.60 -0.62 8.74
C LEU A 500 16.37 -0.03 10.12
N VAL A 501 17.38 0.64 10.65
CA VAL A 501 17.25 1.31 11.94
C VAL A 501 17.55 2.79 11.77
N TRP A 502 16.70 3.63 12.35
CA TRP A 502 16.80 5.07 12.14
C TRP A 502 17.17 5.80 13.42
N THR A 503 18.01 6.83 13.30
CA THR A 503 18.26 7.74 14.42
C THR A 503 18.24 9.18 13.94
N GLY A 504 17.98 10.10 14.86
CA GLY A 504 18.03 11.52 14.54
C GLY A 504 16.78 12.06 13.87
N GLN A 505 16.93 13.18 13.17
CA GLN A 505 15.79 13.89 12.60
C GLN A 505 16.27 14.80 11.49
N PRO A 506 15.42 15.09 10.49
CA PRO A 506 15.80 16.01 9.42
C PRO A 506 15.80 17.46 9.88
N ASP A 507 16.45 18.33 9.13
CA ASP A 507 16.24 19.76 9.32
C ASP A 507 14.82 20.09 8.87
N THR A 508 14.14 21.00 9.56
CA THR A 508 12.82 21.49 9.14
C THR A 508 12.86 21.97 7.69
N TRP A 509 11.83 21.65 6.92
CA TRP A 509 11.85 22.00 5.51
C TRP A 509 11.70 23.51 5.29
N THR A 510 12.67 24.10 4.61
CA THR A 510 12.62 25.51 4.23
C THR A 510 12.69 25.70 2.71
N GLY A 511 12.59 24.62 1.95
CA GLY A 511 12.52 24.75 0.50
C GLY A 511 13.64 24.10 -0.32
N SER A 512 14.76 23.77 0.33
CA SER A 512 15.84 23.04 -0.33
C SER A 512 16.49 22.01 0.59
N TYR A 513 17.00 20.94 -0.01
CA TYR A 513 17.69 19.88 0.72
C TYR A 513 18.90 20.39 1.49
N THR A 514 19.10 19.87 2.70
CA THR A 514 20.25 20.29 3.52
C THR A 514 21.33 19.21 3.68
N GLY A 515 21.05 18.01 3.22
CA GLY A 515 21.98 16.93 3.45
C GLY A 515 21.64 16.20 4.73
N ASN A 516 20.79 16.82 5.56
CA ASN A 516 20.26 16.21 6.79
C ASN A 516 21.35 15.49 7.59
N SER A 517 22.37 16.22 8.03
CA SER A 517 23.54 15.64 8.69
C SER A 517 23.23 14.85 9.94
N ASN A 518 22.09 15.10 10.57
CA ASN A 518 21.76 14.48 11.84
C ASN A 518 20.62 13.50 11.73
N LEU A 519 20.35 13.07 10.50
CA LEU A 519 19.36 12.04 10.24
C LEU A 519 20.09 10.83 9.65
N HIS A 520 19.97 9.68 10.31
CA HIS A 520 20.79 8.53 9.96
C HIS A 520 20.00 7.24 9.81
N VAL A 521 20.41 6.42 8.83
CA VAL A 521 19.90 5.07 8.67
C VAL A 521 21.04 4.05 8.73
N LYS A 522 20.80 2.92 9.40
CA LYS A 522 21.77 1.85 9.40
C LYS A 522 21.07 0.60 8.90
N VAL A 523 21.77 -0.21 8.09
CA VAL A 523 21.20 -1.49 7.72
C VAL A 523 21.56 -2.46 8.86
N GLU A 524 20.54 -2.99 9.53
CA GLU A 524 20.77 -3.85 10.69
C GLU A 524 20.92 -5.32 10.29
N ALA A 525 20.25 -5.70 9.20
CA ALA A 525 20.27 -7.07 8.71
C ALA A 525 20.05 -7.09 7.21
N TYR A 526 20.67 -8.08 6.56
CA TYR A 526 20.51 -8.31 5.13
C TYR A 526 19.76 -9.61 4.89
N GLY A 527 19.16 -9.75 3.70
CA GLY A 527 18.39 -10.93 3.39
C GLY A 527 18.18 -11.09 1.90
N GLU A 528 17.31 -12.03 1.53
CA GLU A 528 17.04 -12.35 0.13
C GLU A 528 15.55 -12.17 -0.19
N ASP A 529 15.02 -10.98 0.04
CA ASP A 529 13.63 -10.73 -0.33
C ASP A 529 13.60 -10.45 -1.81
N LEU A 530 13.21 -11.45 -2.59
CA LEU A 530 13.36 -11.37 -4.05
C LEU A 530 12.36 -10.42 -4.73
N GLY A 531 11.17 -10.25 -4.15
CA GLY A 531 10.22 -9.29 -4.69
C GLY A 531 10.77 -7.88 -4.57
N VAL A 532 11.32 -7.58 -3.41
CA VAL A 532 11.92 -6.28 -3.18
C VAL A 532 13.11 -6.11 -4.09
N ALA A 533 13.89 -7.17 -4.28
CA ALA A 533 15.02 -7.13 -5.18
C ALA A 533 14.56 -6.79 -6.59
N GLY A 534 13.43 -7.37 -6.99
CA GLY A 534 12.84 -7.04 -8.28
C GLY A 534 12.50 -5.56 -8.40
N SER A 535 11.82 -5.04 -7.38
CA SER A 535 11.47 -3.64 -7.35
C SER A 535 12.71 -2.74 -7.44
N LEU A 536 13.75 -3.09 -6.69
CA LEU A 536 15.01 -2.36 -6.68
C LEU A 536 15.62 -2.33 -8.07
N SER A 537 15.63 -3.49 -8.73
CA SER A 537 16.09 -3.56 -10.12
C SER A 537 15.30 -2.60 -10.98
N ASN A 538 13.98 -2.60 -10.82
CA ASN A 538 13.11 -1.72 -11.60
C ASN A 538 13.52 -0.25 -11.42
N ALA A 539 13.66 0.16 -10.16
CA ALA A 539 14.05 1.53 -9.85
C ALA A 539 15.37 1.89 -10.49
N LEU A 540 16.36 1.00 -10.36
CA LEU A 540 17.69 1.25 -10.90
C LEU A 540 17.68 1.30 -12.42
N SER A 541 16.83 0.50 -13.03
CA SER A 541 16.69 0.53 -14.48
C SER A 541 16.19 1.89 -14.95
N TYR A 542 15.10 2.38 -14.33
CA TYR A 542 14.59 3.68 -14.75
C TYR A 542 15.57 4.81 -14.47
N TYR A 543 16.25 4.74 -13.34
CA TYR A 543 17.23 5.76 -13.00
C TYR A 543 18.37 5.80 -14.02
N ALA A 544 18.92 4.63 -14.32
CA ALA A 544 19.98 4.56 -15.32
C ALA A 544 19.49 5.08 -16.67
N LYS A 545 18.32 4.63 -17.11
CA LYS A 545 17.84 5.06 -18.41
C LYS A 545 17.67 6.58 -18.45
N ALA A 546 17.20 7.14 -17.34
CA ALA A 546 17.04 8.58 -17.24
C ALA A 546 18.38 9.29 -17.32
N LEU A 547 19.44 8.66 -16.81
CA LEU A 547 20.79 9.26 -16.87
C LEU A 547 21.45 9.06 -18.22
N GLU A 548 20.85 8.24 -19.06
CA GLU A 548 21.51 7.81 -20.29
C GLU A 548 21.82 8.99 -21.22
N SER A 549 20.99 10.03 -21.18
CA SER A 549 21.16 11.19 -22.04
C SER A 549 22.16 12.23 -21.52
N SER A 550 22.67 12.05 -20.31
CA SER A 550 23.64 12.98 -19.71
C SER A 550 25.04 12.87 -20.31
N THR A 551 25.72 14.00 -20.51
CA THR A 551 27.11 13.94 -20.94
C THR A 551 28.09 14.16 -19.79
N ASP A 552 27.56 14.36 -18.59
CA ASP A 552 28.39 14.56 -17.42
C ASP A 552 29.10 13.26 -17.01
N ALA A 553 30.40 13.33 -16.76
CA ALA A 553 31.20 12.14 -16.47
C ALA A 553 30.73 11.35 -15.24
N ALA A 554 30.36 12.08 -14.19
CA ALA A 554 29.91 11.43 -12.97
C ALA A 554 28.57 10.73 -13.22
N ASP A 555 27.71 11.37 -14.00
CA ASP A 555 26.45 10.75 -14.39
C ASP A 555 26.71 9.49 -15.20
N LYS A 556 27.73 9.51 -16.05
CA LYS A 556 28.02 8.34 -16.86
C LYS A 556 28.46 7.17 -15.93
N VAL A 557 29.23 7.49 -14.89
CA VAL A 557 29.62 6.50 -13.90
C VAL A 557 28.41 5.93 -13.13
N ALA A 558 27.52 6.82 -12.72
CA ALA A 558 26.33 6.41 -11.98
C ALA A 558 25.45 5.54 -12.85
N TYR A 559 25.36 5.91 -14.12
CA TYR A 559 24.63 5.16 -15.13
C TYR A 559 25.16 3.73 -15.19
N ASN A 560 26.48 3.60 -15.35
CA ASN A 560 27.05 2.26 -15.41
C ASN A 560 26.78 1.43 -14.16
N THR A 561 26.94 2.05 -13.01
CA THR A 561 26.75 1.32 -11.75
C THR A 561 25.30 0.86 -11.56
N ALA A 562 24.35 1.76 -11.78
CA ALA A 562 22.95 1.43 -11.58
C ALA A 562 22.52 0.36 -12.58
N LYS A 563 22.90 0.56 -13.84
CA LYS A 563 22.51 -0.38 -14.88
C LYS A 563 23.09 -1.77 -14.65
N GLU A 564 24.37 -1.82 -14.33
CA GLU A 564 25.05 -3.08 -14.07
C GLU A 564 24.48 -3.78 -12.83
N THR A 565 24.15 -3.01 -11.80
CA THR A 565 23.59 -3.59 -10.57
C THR A 565 22.20 -4.19 -10.86
N SER A 566 21.38 -3.45 -11.59
CA SER A 566 20.08 -3.96 -12.00
C SER A 566 20.22 -5.26 -12.80
N ARG A 567 21.10 -5.24 -13.80
CA ARG A 567 21.27 -6.40 -14.66
C ARG A 567 21.74 -7.59 -13.83
N LYS A 568 22.64 -7.36 -12.89
CA LYS A 568 23.16 -8.46 -12.07
C LYS A 568 22.07 -9.05 -11.19
N ILE A 569 21.24 -8.18 -10.62
CA ILE A 569 20.08 -8.65 -9.86
C ILE A 569 19.19 -9.55 -10.72
N LEU A 570 18.84 -9.10 -11.92
CA LEU A 570 17.99 -9.91 -12.79
C LEU A 570 18.64 -11.24 -13.21
N ASP A 571 19.92 -11.17 -13.56
CA ASP A 571 20.64 -12.35 -14.00
C ASP A 571 20.72 -13.38 -12.88
N TYR A 572 20.93 -12.93 -11.66
CA TYR A 572 21.09 -13.86 -10.55
C TYR A 572 19.74 -14.41 -10.12
N LEU A 573 18.70 -13.57 -10.19
CA LEU A 573 17.34 -14.04 -9.96
C LEU A 573 17.04 -15.18 -10.92
N TRP A 574 17.37 -14.98 -12.19
CA TRP A 574 17.06 -15.99 -13.20
C TRP A 574 17.90 -17.26 -13.04
N ALA A 575 19.19 -17.06 -12.78
CA ALA A 575 20.15 -18.16 -12.70
C ALA A 575 19.97 -19.05 -11.48
N SER A 576 19.59 -18.46 -10.34
CA SER A 576 19.79 -19.14 -9.07
C SER A 576 18.54 -19.31 -8.22
N TYR A 577 17.46 -18.66 -8.57
CA TYR A 577 16.32 -18.62 -7.66
C TYR A 577 15.01 -19.11 -8.25
N GLN A 578 15.06 -19.75 -9.42
CA GLN A 578 13.84 -20.26 -10.03
C GLN A 578 13.35 -21.50 -9.30
N ASP A 579 12.03 -21.63 -9.19
CA ASP A 579 11.42 -22.88 -8.79
C ASP A 579 10.19 -23.08 -9.66
N ASP A 580 9.40 -24.11 -9.38
CA ASP A 580 8.33 -24.48 -10.28
C ASP A 580 7.25 -23.42 -10.46
N LYS A 581 6.95 -22.69 -9.39
CA LYS A 581 5.85 -21.72 -9.39
C LYS A 581 6.26 -20.31 -9.81
N GLY A 582 7.56 -20.03 -9.80
CA GLY A 582 8.05 -18.71 -10.13
C GLY A 582 9.52 -18.56 -9.77
N ILE A 583 9.83 -17.51 -9.01
CA ILE A 583 11.18 -17.27 -8.53
C ILE A 583 11.10 -16.96 -7.05
N ALA A 584 11.71 -17.82 -6.24
CA ALA A 584 11.50 -17.76 -4.80
C ALA A 584 12.64 -18.43 -4.03
N VAL A 585 12.70 -18.17 -2.73
CA VAL A 585 13.72 -18.77 -1.89
C VAL A 585 13.18 -18.85 -0.47
N THR A 586 13.73 -19.75 0.33
CA THR A 586 13.31 -19.88 1.72
C THR A 586 13.60 -18.58 2.48
N GLU A 587 12.70 -18.25 3.39
CA GLU A 587 12.89 -17.15 4.33
C GLU A 587 12.55 -17.64 5.74
N THR A 588 13.25 -17.11 6.73
CA THR A 588 12.99 -17.51 8.10
C THR A 588 12.11 -16.49 8.81
N ARG A 589 11.01 -16.99 9.37
CA ARG A 589 10.02 -16.19 10.05
C ARG A 589 10.04 -16.44 11.56
N ASN A 590 10.94 -15.77 12.27
CA ASN A 590 10.99 -15.89 13.73
C ASN A 590 9.74 -15.30 14.41
N ASP A 591 9.10 -14.37 13.70
CA ASP A 591 7.95 -13.64 14.22
C ASP A 591 6.75 -14.55 14.36
N PHE A 592 6.80 -15.73 13.76
CA PHE A 592 5.67 -16.62 13.86
C PHE A 592 5.48 -17.12 15.29
N LYS A 593 6.41 -16.80 16.20
CA LYS A 593 6.12 -17.14 17.61
C LYS A 593 4.85 -16.38 18.08
N ARG A 594 4.53 -15.30 17.38
CA ARG A 594 3.42 -14.46 17.77
C ARG A 594 2.09 -15.09 17.37
N PHE A 595 2.14 -16.33 16.88
CA PHE A 595 0.89 -17.06 16.70
C PHE A 595 0.23 -17.17 18.06
N ASN A 596 1.03 -17.15 19.13
CA ASN A 596 0.45 -17.19 20.46
C ASN A 596 0.31 -15.82 21.10
N GLN A 597 0.43 -14.77 20.29
CA GLN A 597 0.30 -13.40 20.79
C GLN A 597 -1.05 -13.18 21.46
N SER A 598 -1.03 -12.63 22.67
CA SER A 598 -2.26 -12.28 23.38
C SER A 598 -2.99 -11.18 22.62
N VAL A 599 -4.30 -11.33 22.47
CA VAL A 599 -5.12 -10.31 21.83
C VAL A 599 -5.97 -9.64 22.90
N TYR A 600 -5.90 -8.32 23.02
CA TYR A 600 -6.68 -7.63 24.04
C TYR A 600 -8.17 -7.67 23.74
N ILE A 601 -8.94 -8.10 24.74
CA ILE A 601 -10.38 -8.02 24.71
C ILE A 601 -10.82 -7.39 26.02
N PRO A 602 -11.73 -6.40 25.95
CA PRO A 602 -12.17 -5.73 27.18
C PRO A 602 -12.76 -6.72 28.18
N SER A 603 -12.50 -6.51 29.46
CA SER A 603 -13.11 -7.34 30.49
C SER A 603 -14.63 -7.31 30.34
N GLY A 604 -15.25 -8.49 30.45
CA GLY A 604 -16.68 -8.61 30.35
C GLY A 604 -17.21 -8.67 28.91
N TRP A 605 -16.35 -8.44 27.95
CA TRP A 605 -16.75 -8.52 26.55
C TRP A 605 -16.61 -9.96 26.08
N THR A 606 -17.69 -10.50 25.50
CA THR A 606 -17.67 -11.85 24.92
C THR A 606 -18.26 -11.84 23.51
N GLY A 607 -17.75 -12.73 22.66
CA GLY A 607 -18.26 -12.87 21.32
C GLY A 607 -17.81 -14.16 20.66
N LYS A 608 -18.16 -14.34 19.40
CA LYS A 608 -17.73 -15.50 18.62
C LYS A 608 -17.38 -15.19 17.17
N MET A 609 -16.40 -15.91 16.64
CA MET A 609 -16.10 -15.87 15.20
C MET A 609 -17.17 -16.72 14.48
N PRO A 610 -17.28 -16.58 13.14
CA PRO A 610 -18.28 -17.37 12.44
C PRO A 610 -18.16 -18.87 12.66
N ASN A 611 -16.94 -19.38 12.78
CA ASN A 611 -16.70 -20.81 13.01
C ASN A 611 -16.91 -21.25 14.45
N GLY A 612 -17.28 -20.32 15.33
CA GLY A 612 -17.53 -20.65 16.71
C GLY A 612 -16.43 -20.37 17.72
N ASP A 613 -15.26 -19.96 17.23
CA ASP A 613 -14.14 -19.63 18.12
C ASP A 613 -14.57 -18.60 19.15
N VAL A 614 -14.27 -18.87 20.41
CA VAL A 614 -14.65 -17.97 21.49
C VAL A 614 -13.75 -16.74 21.60
N ILE A 615 -14.36 -15.56 21.63
CA ILE A 615 -13.62 -14.32 21.80
C ILE A 615 -13.88 -13.76 23.19
N GLN A 616 -12.86 -13.78 24.05
CA GLN A 616 -12.95 -13.22 25.40
C GLN A 616 -11.55 -12.91 25.89
N SER A 617 -11.42 -12.26 27.05
CA SER A 617 -10.10 -12.00 27.62
C SER A 617 -9.29 -13.28 27.68
N GLY A 618 -8.00 -13.17 27.34
CA GLY A 618 -7.15 -14.34 27.26
C GLY A 618 -7.01 -14.87 25.84
N ALA A 619 -7.72 -14.25 24.91
CA ALA A 619 -7.66 -14.66 23.50
C ALA A 619 -6.25 -14.50 22.93
N THR A 620 -5.95 -15.29 21.89
CA THR A 620 -4.70 -15.14 21.17
C THR A 620 -4.95 -15.07 19.67
N PHE A 621 -3.92 -14.70 18.91
CA PHE A 621 -4.02 -14.68 17.45
C PHE A 621 -4.58 -16.01 16.96
N LEU A 622 -4.04 -17.08 17.52
CA LEU A 622 -4.44 -18.43 17.11
C LEU A 622 -5.79 -18.86 17.67
N SER A 623 -6.14 -18.43 18.89
CA SER A 623 -7.37 -18.89 19.52
C SER A 623 -8.60 -18.40 18.79
N ILE A 624 -8.48 -17.27 18.11
CA ILE A 624 -9.61 -16.77 17.33
C ILE A 624 -9.45 -17.06 15.84
N ARG A 625 -8.46 -17.89 15.50
CA ARG A 625 -8.24 -18.31 14.11
C ARG A 625 -7.88 -19.80 14.07
N SER A 626 -8.71 -20.63 14.69
CA SER A 626 -8.40 -22.04 14.82
C SER A 626 -8.31 -22.80 13.50
N LYS A 627 -8.91 -22.28 12.43
CA LYS A 627 -8.78 -22.94 11.12
C LYS A 627 -7.33 -23.01 10.63
N TYR A 628 -6.46 -22.17 11.20
CA TYR A 628 -5.04 -22.21 10.87
C TYR A 628 -4.47 -23.59 11.23
N LYS A 629 -5.03 -24.23 12.25
CA LYS A 629 -4.54 -25.54 12.68
C LYS A 629 -4.95 -26.62 11.68
N GLN A 630 -5.80 -26.24 10.74
CA GLN A 630 -6.21 -27.13 9.67
C GLN A 630 -5.34 -26.97 8.43
N ASP A 631 -4.47 -25.95 8.46
CA ASP A 631 -3.59 -25.65 7.34
C ASP A 631 -2.50 -26.73 7.16
N PRO A 632 -2.16 -27.06 5.89
CA PRO A 632 -1.12 -28.07 5.65
C PRO A 632 0.26 -27.69 6.19
N SER A 633 0.53 -26.41 6.38
CA SER A 633 1.83 -25.99 6.90
C SER A 633 1.86 -25.97 8.43
N TRP A 634 0.72 -26.23 9.06
CA TRP A 634 0.62 -26.07 10.50
C TRP A 634 1.52 -27.00 11.32
N PRO A 635 1.58 -28.31 11.00
CA PRO A 635 2.45 -29.19 11.81
C PRO A 635 3.89 -28.69 11.91
N ASN A 636 4.41 -28.20 10.79
CA ASN A 636 5.75 -27.64 10.73
C ASN A 636 5.90 -26.41 11.62
N VAL A 637 4.91 -25.53 11.57
CA VAL A 637 4.89 -24.33 12.39
C VAL A 637 4.87 -24.65 13.88
N GLU A 638 3.96 -25.53 14.30
CA GLU A 638 3.80 -25.83 15.72
C GLU A 638 5.00 -26.60 16.21
N ALA A 639 5.61 -27.39 15.33
CA ALA A 639 6.85 -28.09 15.70
C ALA A 639 7.93 -27.06 15.95
N ALA A 640 8.07 -26.09 15.03
CA ALA A 640 9.05 -25.03 15.18
C ALA A 640 8.86 -24.27 16.50
N LEU A 641 7.62 -23.91 16.80
CA LEU A 641 7.30 -23.19 18.04
C LEU A 641 7.59 -24.04 19.27
N ALA A 642 7.43 -25.34 19.11
CA ALA A 642 7.62 -26.28 20.19
C ALA A 642 9.06 -26.24 20.64
N ASN A 643 9.99 -26.31 19.68
CA ASN A 643 11.40 -26.23 20.00
C ASN A 643 12.02 -24.86 19.79
N GLY A 644 11.22 -23.81 19.97
CA GLY A 644 11.69 -22.43 19.99
C GLY A 644 12.46 -21.94 18.76
N THR A 645 12.34 -22.67 17.66
CA THR A 645 12.97 -22.30 16.39
C THR A 645 12.08 -21.30 15.64
N GLY A 646 12.67 -20.61 14.67
CA GLY A 646 11.91 -19.82 13.73
C GLY A 646 11.35 -20.73 12.65
N VAL A 647 10.34 -20.25 11.94
CA VAL A 647 9.69 -21.07 10.92
C VAL A 647 10.22 -20.80 9.51
N ASP A 648 10.68 -21.82 8.83
CA ASP A 648 11.15 -21.64 7.45
C ASP A 648 10.00 -21.83 6.47
N MET A 649 9.85 -20.86 5.56
CA MET A 649 8.79 -20.92 4.55
C MET A 649 9.32 -20.45 3.22
N THR A 650 8.81 -21.02 2.14
CA THR A 650 9.12 -20.49 0.81
C THR A 650 7.87 -19.92 0.19
N TYR A 651 7.87 -18.60 -0.03
CA TYR A 651 6.66 -17.92 -0.47
C TYR A 651 6.67 -17.43 -1.91
N HIS A 652 5.50 -17.52 -2.55
CA HIS A 652 5.27 -16.89 -3.85
C HIS A 652 4.16 -15.84 -3.69
N ARG A 653 4.58 -14.65 -3.27
CA ARG A 653 3.66 -13.53 -3.16
C ARG A 653 3.33 -12.99 -4.55
N PHE A 654 2.05 -12.71 -4.80
CA PHE A 654 1.67 -12.23 -6.12
C PHE A 654 2.41 -10.94 -6.45
N TRP A 655 2.45 -9.99 -5.51
CA TRP A 655 3.14 -8.73 -5.78
C TRP A 655 4.63 -8.98 -6.00
N GLY A 656 5.23 -9.94 -5.30
CA GLY A 656 6.66 -10.18 -5.44
C GLY A 656 7.00 -10.78 -6.79
N GLN A 657 6.21 -11.78 -7.19
CA GLN A 657 6.40 -12.41 -8.49
C GLN A 657 6.13 -11.40 -9.62
N SER A 658 5.13 -10.53 -9.41
CA SER A 658 4.82 -9.47 -10.36
C SER A 658 5.93 -8.45 -10.47
N ASP A 659 6.46 -7.98 -9.34
CA ASP A 659 7.58 -7.01 -9.37
C ASP A 659 8.77 -7.60 -10.10
N ILE A 660 9.03 -8.88 -9.88
CA ILE A 660 10.17 -9.53 -10.53
C ILE A 660 9.94 -9.60 -12.05
N ALA A 661 8.75 -10.07 -12.45
CA ALA A 661 8.43 -10.17 -13.86
C ALA A 661 8.55 -8.78 -14.52
N ILE A 662 7.94 -7.80 -13.89
CA ILE A 662 7.92 -6.43 -14.40
C ILE A 662 9.33 -5.85 -14.46
N ALA A 663 10.19 -6.23 -13.53
CA ALA A 663 11.58 -5.79 -13.58
C ALA A 663 12.25 -6.36 -14.83
N PHE A 664 11.96 -7.63 -15.13
CA PHE A 664 12.49 -8.22 -16.36
C PHE A 664 11.99 -7.43 -17.57
N GLY A 665 10.69 -7.17 -17.65
CA GLY A 665 10.13 -6.48 -18.80
C GLY A 665 10.68 -5.07 -18.96
N THR A 666 10.87 -4.40 -17.82
CA THR A 666 11.38 -3.05 -17.79
C THR A 666 12.79 -2.99 -18.33
N TYR A 667 13.67 -3.85 -17.81
CA TYR A 667 15.04 -3.86 -18.29
C TYR A 667 15.04 -4.20 -19.79
N GLY A 668 14.21 -5.16 -20.18
CA GLY A 668 14.14 -5.59 -21.56
C GLY A 668 13.62 -4.53 -22.53
N THR A 669 12.82 -3.58 -22.05
CA THR A 669 12.27 -2.53 -22.92
C THR A 669 13.13 -1.26 -22.96
N LEU A 670 13.76 -0.91 -21.83
CA LEU A 670 14.53 0.33 -21.74
C LEU A 670 15.93 0.23 -22.37
N PHE A 671 16.50 -0.96 -22.29
CA PHE A 671 17.86 -1.23 -22.74
C PHE A 671 17.91 -2.28 -23.82
N THR A 672 17.78 -1.86 -25.07
CA THR A 672 17.78 -2.81 -26.16
C THR A 672 19.22 -2.91 -26.65
N ASP A 673 20.04 -3.59 -25.84
CA ASP A 673 21.46 -3.82 -26.10
C ASP A 673 21.66 -5.15 -26.83
C2 BGC B . 8.22 -7.53 6.25
C3 BGC B . 6.88 -7.17 5.70
C4 BGC B . 6.74 -7.56 4.25
C5 BGC B . 7.32 -8.92 3.98
C6 BGC B . 7.28 -9.25 2.51
C1 BGC B . 8.47 -8.95 5.87
O1 BGC B . 9.60 -9.43 6.48
O2 BGC B . 8.24 -7.37 7.63
O3 BGC B . 6.70 -5.81 5.89
O4 BGC B . 5.42 -7.66 3.90
O5 BGC B . 8.61 -8.98 4.50
O6 BGC B . 8.50 -9.04 1.90
C2 BGC B . 3.55 -7.21 2.53
C3 BGC B . 2.83 -6.18 1.72
C4 BGC B . 2.78 -4.85 2.41
C5 BGC B . 4.13 -4.49 2.96
C6 BGC B . 4.10 -3.21 3.74
C1 BGC B . 4.80 -6.62 3.11
O2 BGC B . 3.91 -8.27 1.72
O3 BGC B . 1.54 -6.62 1.49
O4 BGC B . 2.36 -3.90 1.52
O5 BGC B . 4.53 -5.48 3.82
O6 BGC B . 3.31 -3.39 4.87
C2 BGC C . -2.07 -1.19 6.08
C3 BGC C . -3.13 -1.10 7.13
C4 BGC C . -4.23 -0.16 6.72
C5 BGC C . -4.63 -0.28 5.28
C6 BGC C . -5.28 1.02 4.92
C1 BGC C . -2.73 -1.50 4.77
O1 BGC C . -1.77 -1.63 3.78
O2 BGC C . -1.11 -2.13 6.41
O3 BGC C . -2.52 -0.62 8.27
O4 BGC C . -5.37 -0.33 7.48
O5 BGC C . -3.55 -0.45 4.43
O6 BGC C . -6.28 0.80 4.00
C2 BGC C . -7.44 0.25 8.67
C3 BGC C . -8.17 1.45 9.20
C4 BGC C . -7.39 2.07 10.33
C5 BGC C . -5.99 2.34 9.86
C6 BGC C . -5.15 3.02 10.92
C1 BGC C . -6.03 0.62 8.36
O2 BGC C . -8.07 -0.24 7.53
O3 BGC C . -9.43 1.02 9.58
O4 BGC C . -7.97 3.24 10.79
O5 BGC C . -5.41 1.14 9.48
O6 BGC C . -4.68 2.15 11.88
C2 BGC C . -9.20 4.78 12.11
C3 BGC C . -10.47 4.99 12.87
C4 BGC C . -11.62 4.70 11.95
C5 BGC C . -11.48 3.31 11.43
C6 BGC C . -12.63 2.93 10.55
C1 BGC C . -9.21 3.42 11.51
O2 BGC C . -8.11 4.93 12.95
O3 BGC C . -10.59 6.28 13.36
O4 BGC C . -12.81 4.83 12.64
O5 BGC C . -10.32 3.26 10.70
O6 BGC C . -12.24 1.91 9.68
C2 BGC C . -15.09 4.62 13.19
C3 BGC C . -16.45 5.20 13.00
C4 BGC C . -16.43 6.67 13.29
C5 BGC C . -15.33 7.33 12.52
C6 BGC C . -15.28 8.80 12.80
C1 BGC C . -14.09 5.45 12.45
O2 BGC C . -15.03 3.32 12.75
O3 BGC C . -17.34 4.54 13.82
O4 BGC C . -17.62 7.25 12.93
O5 BGC C . -14.14 6.77 12.90
O6 BGC C . -14.40 9.06 13.83
C2 BGC C . -19.86 8.39 12.85
C3 BGC C . -21.08 8.54 13.70
C4 BGC C . -21.72 7.19 13.90
C5 BGC C . -20.70 6.20 14.36
C6 BGC C . -21.31 4.84 14.53
C1 BGC C . -18.99 7.32 13.42
O2 BGC C . -19.18 9.60 12.75
O3 BGC C . -21.93 9.43 13.06
O4 BGC C . -22.74 7.25 14.82
O5 BGC C . -19.68 6.11 13.45
O6 BGC C . -20.34 3.87 14.34
CA CA D . 1.76 -4.53 20.26
CA CA E . -13.89 -17.39 -4.21
#